data_3WPB
#
_entry.id   3WPB
#
_cell.length_a   98.100
_cell.length_b   118.840
_cell.length_c   77.750
_cell.angle_alpha   90.00
_cell.angle_beta   108.70
_cell.angle_gamma   90.00
#
_symmetry.space_group_name_H-M   'C 1 2 1'
#
loop_
_entity.id
_entity.type
_entity.pdbx_description
1 polymer 'Toll-like receptor 9'
2 branched 2-acetamido-2-deoxy-beta-D-glucopyranose-(1-4)-2-acetamido-2-deoxy-beta-D-glucopyranose
3 non-polymer 2-acetamido-2-deoxy-beta-D-glucopyranose
4 non-polymer 'SULFATE ION'
5 water water
#
_entity_poly.entity_id   1
_entity_poly.type   'polypeptide(L)'
_entity_poly.pdbx_seq_one_letter_code
;RSPWQGTLPPFLPCELQPHGLVNCNWLFLKSVPHFSAAAPRDNVTSLSLLSNRIHHLHDSDFAQLSNLQKLNLKWNCPPA
GLSPMHFPCHMTIEPNTFLAVPTLEELNLSYNGITTVPALPSSLVSLILSRTNILQLDPTSLTGLHALRFLYMDGNCYYK
NPCGRALEVAPGALLGLGNLTHLSLKYNNLTTVPRSLPPSLEYLLLSYNHIVTLAPEDLANLTALRVLDVGGNCRRCDHA
RNPCVECPHKFPQLHSDTFSHLSRLEGLVLKDSSLYQLNPRWFRGLGNLTVLDLSENFLYDCITKTKAFQGLAQLRRLNL
SFNYHKKVSFAHLTLAPSFGSLLSLQELDMHGIFFRSLSQKTLQPLARLPMLQRLYLQMNFINQAQLGIFKDFPGLRYID
LSDNRISGAVEPVATTGEVDGGKKVWLTSRDLTPGPLDTPSSEDFMPSCKNLSFTLDLSRNNLVTVQPEMFAQLSRLQCL
RLSHNSISQAVNGSQFVPLTSLQVLDLSHNKLDLYHGRSFTELPRLEALDLSYNSQPFSMRGVGHNLSFVAQLPTLRYLS
LAHNGIHSRVSQQLCSTSLWALDFSGNSLSQMWAEGDLYLRFFQGLRSLIRLDLSQNRLHTLLPCTLGNLPKSLQLLRLR
NNYLAFFNWSSLTLLPNLETLDLAGNQLKALSNGSLPSGTQLQRLDVSRNSIIFVVPGFFALATRLRELNLSANALRTVE
PSWFGFLAGSLEVLDVSANPLHCACGAAFVDFLLQVQAAVPGLPSRVKCGSPGQLQGRSIFAQDLRLCLDESLSWDEFLV
PR
;
_entity_poly.pdbx_strand_id   A
#
loop_
_chem_comp.id
_chem_comp.type
_chem_comp.name
_chem_comp.formula
NAG D-saccharide, beta linking 2-acetamido-2-deoxy-beta-D-glucopyranose 'C8 H15 N O6'
SO4 non-polymer 'SULFATE ION' 'O4 S -2'
#
# COMPACT_ATOMS: atom_id res chain seq x y z
N THR A 7 -14.86 19.45 -28.96
CA THR A 7 -14.42 18.05 -29.21
C THR A 7 -14.71 17.16 -27.99
N LEU A 8 -15.49 16.11 -28.22
CA LEU A 8 -15.82 15.15 -27.16
C LEU A 8 -14.58 14.39 -26.69
N PRO A 9 -14.63 13.80 -25.47
CA PRO A 9 -13.59 12.86 -25.09
C PRO A 9 -13.51 11.78 -26.16
N PRO A 10 -12.32 11.60 -26.75
CA PRO A 10 -12.24 10.84 -27.99
C PRO A 10 -12.63 9.35 -27.85
N PHE A 11 -12.54 8.80 -26.65
CA PHE A 11 -12.90 7.39 -26.43
C PHE A 11 -14.05 7.19 -25.44
N LEU A 12 -15.05 8.07 -25.47
CA LEU A 12 -16.22 7.91 -24.60
C LEU A 12 -16.77 6.48 -24.66
N PRO A 13 -17.17 5.92 -23.50
CA PRO A 13 -17.21 6.45 -22.12
C PRO A 13 -15.89 6.41 -21.36
N CYS A 14 -14.80 6.13 -22.05
CA CYS A 14 -13.53 5.83 -21.41
C CYS A 14 -12.59 7.02 -21.42
N GLU A 15 -11.48 6.86 -20.70
CA GLU A 15 -10.54 7.95 -20.45
C GLU A 15 -9.17 7.66 -21.07
N LEU A 16 -8.76 8.49 -22.03
CA LEU A 16 -7.38 8.47 -22.53
C LEU A 16 -6.46 8.93 -21.41
N GLN A 17 -5.33 8.25 -21.25
CA GLN A 17 -4.37 8.49 -20.18
C GLN A 17 -2.96 8.41 -20.78
N PRO A 18 -1.91 8.60 -19.98
CA PRO A 18 -0.57 8.56 -20.59
C PRO A 18 -0.17 7.18 -21.11
N HIS A 19 0.73 7.18 -22.09
CA HIS A 19 1.32 5.98 -22.67
C HIS A 19 0.34 5.15 -23.53
N GLY A 20 -0.57 5.85 -24.21
CA GLY A 20 -1.52 5.23 -25.12
C GLY A 20 -2.50 4.27 -24.44
N LEU A 21 -2.76 4.53 -23.16
CA LEU A 21 -3.70 3.72 -22.39
C LEU A 21 -5.11 4.30 -22.47
N VAL A 22 -6.04 3.55 -23.03
CA VAL A 22 -7.44 3.87 -22.90
C VAL A 22 -7.95 3.12 -21.68
N ASN A 23 -8.40 3.88 -20.67
CA ASN A 23 -8.90 3.29 -19.44
C ASN A 23 -10.42 3.26 -19.40
N CYS A 24 -10.97 2.06 -19.58
CA CYS A 24 -12.42 1.82 -19.47
C CYS A 24 -12.80 1.06 -18.19
N ASN A 25 -11.91 1.01 -17.21
CA ASN A 25 -12.18 0.20 -16.01
C ASN A 25 -13.40 0.68 -15.24
N TRP A 26 -14.15 -0.28 -14.68
CA TRP A 26 -15.17 0.00 -13.66
C TRP A 26 -16.34 0.82 -14.20
N LEU A 27 -16.76 0.55 -15.44
CA LEU A 27 -17.82 1.36 -16.07
C LEU A 27 -19.13 0.61 -16.29
N PHE A 28 -19.29 -0.53 -15.63
CA PHE A 28 -20.49 -1.37 -15.77
C PHE A 28 -20.84 -1.68 -17.24
N LEU A 29 -19.83 -1.69 -18.11
CA LEU A 29 -20.07 -1.83 -19.55
C LEU A 29 -20.60 -3.22 -19.85
N LYS A 30 -21.59 -3.30 -20.73
CA LYS A 30 -22.19 -4.57 -21.12
C LYS A 30 -21.49 -5.18 -22.32
N SER A 31 -20.80 -4.33 -23.09
CA SER A 31 -19.94 -4.81 -24.16
C SER A 31 -18.84 -3.78 -24.46
N VAL A 32 -17.93 -4.19 -25.32
CA VAL A 32 -16.80 -3.35 -25.70
C VAL A 32 -17.29 -2.18 -26.55
N PRO A 33 -16.97 -0.94 -26.15
CA PRO A 33 -17.37 0.21 -26.96
C PRO A 33 -16.80 0.12 -28.37
N HIS A 34 -17.62 0.43 -29.37
CA HIS A 34 -17.12 0.65 -30.72
C HIS A 34 -16.80 2.14 -30.84
N PHE A 35 -15.52 2.47 -30.79
CA PHE A 35 -15.07 3.85 -30.86
C PHE A 35 -15.28 4.41 -32.26
N SER A 36 -15.44 5.73 -32.34
CA SER A 36 -15.74 6.41 -33.61
C SER A 36 -14.54 6.44 -34.55
N ALA A 37 -14.80 6.78 -35.81
CA ALA A 37 -13.76 6.80 -36.86
C ALA A 37 -12.74 7.93 -36.64
N ALA A 38 -13.21 9.06 -36.13
CA ALA A 38 -12.37 10.23 -35.88
C ALA A 38 -11.48 10.07 -34.65
N ALA A 39 -11.78 9.10 -33.78
CA ALA A 39 -10.93 8.81 -32.64
C ALA A 39 -9.54 8.38 -33.12
N PRO A 40 -8.46 8.76 -32.40
CA PRO A 40 -7.13 8.31 -32.79
C PRO A 40 -6.91 6.83 -32.43
N ARG A 41 -7.58 5.95 -33.17
CA ARG A 41 -7.54 4.52 -32.90
C ARG A 41 -6.11 3.99 -32.88
N ASP A 42 -5.26 4.53 -33.76
CA ASP A 42 -3.87 4.10 -33.89
C ASP A 42 -2.97 4.48 -32.72
N ASN A 43 -3.25 5.61 -32.07
CA ASN A 43 -2.49 6.01 -30.88
C ASN A 43 -2.73 5.07 -29.68
N VAL A 44 -3.79 4.27 -29.75
CA VAL A 44 -4.14 3.32 -28.71
C VAL A 44 -3.18 2.14 -28.75
N THR A 45 -2.41 1.96 -27.69
CA THR A 45 -1.49 0.83 -27.57
C THR A 45 -1.86 -0.11 -26.42
N SER A 46 -2.71 0.38 -25.52
CA SER A 46 -3.09 -0.39 -24.35
C SER A 46 -4.56 -0.06 -24.06
N LEU A 47 -5.37 -1.08 -23.81
CA LEU A 47 -6.81 -0.90 -23.56
C LEU A 47 -7.18 -1.72 -22.33
N SER A 48 -7.73 -1.06 -21.32
CA SER A 48 -8.07 -1.73 -20.06
C SER A 48 -9.58 -1.69 -19.84
N LEU A 49 -10.15 -2.84 -19.49
CA LEU A 49 -11.59 -2.99 -19.32
C LEU A 49 -11.89 -3.78 -18.05
N LEU A 50 -11.06 -3.59 -17.04
CA LEU A 50 -11.18 -4.25 -15.74
C LEU A 50 -12.52 -3.98 -15.07
N SER A 51 -13.14 -5.03 -14.55
CA SER A 51 -14.38 -4.96 -13.74
C SER A 51 -15.52 -4.24 -14.45
N ASN A 52 -15.78 -4.62 -15.69
CA ASN A 52 -17.04 -4.31 -16.34
C ASN A 52 -17.86 -5.58 -16.32
N ARG A 53 -18.88 -5.67 -17.14
CA ARG A 53 -19.66 -6.90 -17.20
C ARG A 53 -19.92 -7.27 -18.66
N ILE A 54 -18.83 -7.36 -19.43
CA ILE A 54 -18.89 -7.80 -20.81
C ILE A 54 -18.87 -9.33 -20.82
N HIS A 55 -19.96 -9.94 -21.25
CA HIS A 55 -20.06 -11.39 -21.34
C HIS A 55 -19.91 -11.90 -22.78
N HIS A 56 -19.93 -10.98 -23.75
CA HIS A 56 -19.84 -11.36 -25.17
C HIS A 56 -18.79 -10.51 -25.88
N LEU A 57 -17.77 -11.16 -26.42
CA LEU A 57 -16.72 -10.51 -27.20
C LEU A 57 -16.83 -10.92 -28.65
N HIS A 58 -16.65 -9.95 -29.55
CA HIS A 58 -16.89 -10.15 -30.98
C HIS A 58 -15.65 -9.91 -31.84
N ASP A 59 -15.65 -10.52 -33.03
CA ASP A 59 -14.69 -10.27 -34.12
C ASP A 59 -14.30 -8.79 -34.30
N SER A 60 -15.29 -7.91 -34.23
CA SER A 60 -15.12 -6.49 -34.56
C SER A 60 -14.77 -5.58 -33.35
N ASP A 61 -14.74 -6.14 -32.15
CA ASP A 61 -14.48 -5.39 -30.92
C ASP A 61 -13.11 -4.71 -30.90
N PHE A 62 -12.07 -5.42 -31.33
CA PHE A 62 -10.70 -4.91 -31.25
C PHE A 62 -10.05 -4.72 -32.63
N ALA A 63 -10.86 -4.86 -33.69
CA ALA A 63 -10.37 -5.08 -35.05
C ALA A 63 -9.77 -3.85 -35.74
N GLN A 64 -10.08 -2.66 -35.25
CA GLN A 64 -9.60 -1.40 -35.85
C GLN A 64 -8.61 -0.67 -34.95
N LEU A 65 -8.19 -1.29 -33.86
CA LEU A 65 -7.13 -0.74 -33.02
C LEU A 65 -5.78 -1.28 -33.49
N SER A 66 -5.31 -0.70 -34.60
CA SER A 66 -4.15 -1.19 -35.36
C SER A 66 -2.83 -1.33 -34.62
N ASN A 67 -2.67 -0.66 -33.47
CA ASN A 67 -1.42 -0.72 -32.71
C ASN A 67 -1.56 -1.26 -31.29
N LEU A 68 -2.70 -1.87 -30.99
CA LEU A 68 -2.98 -2.39 -29.66
C LEU A 68 -1.99 -3.48 -29.26
N GLN A 69 -1.31 -3.27 -28.13
CA GLN A 69 -0.36 -4.25 -27.60
C GLN A 69 -0.81 -4.92 -26.32
N LYS A 70 -1.44 -4.17 -25.41
CA LYS A 70 -1.85 -4.72 -24.10
C LYS A 70 -3.36 -4.69 -23.95
N LEU A 71 -3.95 -5.80 -23.52
CA LEU A 71 -5.39 -5.89 -23.39
C LEU A 71 -5.77 -6.61 -22.10
N ASN A 72 -6.54 -5.91 -21.27
CA ASN A 72 -6.92 -6.41 -19.96
C ASN A 72 -8.43 -6.57 -19.88
N LEU A 73 -8.90 -7.81 -19.83
CA LEU A 73 -10.32 -8.10 -19.75
C LEU A 73 -10.67 -8.79 -18.44
N LYS A 74 -9.84 -8.55 -17.43
CA LYS A 74 -10.02 -9.15 -16.10
C LYS A 74 -11.36 -8.75 -15.45
N TRP A 75 -12.03 -9.71 -14.80
CA TRP A 75 -13.29 -9.45 -14.04
C TRP A 75 -14.40 -8.90 -14.94
N ASN A 76 -14.96 -9.76 -15.77
CA ASN A 76 -16.01 -9.34 -16.69
C ASN A 76 -17.14 -10.35 -16.72
N CYS A 77 -16.77 -11.61 -16.72
CA CYS A 77 -17.71 -12.70 -16.68
C CYS A 77 -17.17 -13.66 -15.63
N PRO A 78 -17.24 -13.24 -14.35
CA PRO A 78 -16.60 -14.06 -13.33
C PRO A 78 -17.31 -15.40 -13.10
N PRO A 79 -16.52 -16.47 -12.82
CA PRO A 79 -17.12 -17.78 -12.51
C PRO A 79 -17.99 -17.74 -11.26
N ALA A 80 -19.05 -18.55 -11.26
CA ALA A 80 -19.97 -18.67 -10.12
C ALA A 80 -19.28 -18.56 -8.77
N GLY A 81 -18.31 -19.45 -8.52
CA GLY A 81 -17.63 -19.51 -7.23
C GLY A 81 -16.96 -18.21 -6.78
N LEU A 82 -16.48 -17.44 -7.74
CA LEU A 82 -15.84 -16.14 -7.51
C LEU A 82 -16.85 -15.01 -7.53
N SER A 83 -17.97 -15.21 -8.23
CA SER A 83 -19.06 -14.23 -8.24
C SER A 83 -19.59 -14.09 -6.79
N PRO A 84 -19.65 -12.85 -6.28
CA PRO A 84 -20.24 -12.62 -4.97
C PRO A 84 -21.59 -13.35 -4.77
N MET A 85 -22.49 -13.22 -5.74
CA MET A 85 -23.82 -13.84 -5.66
C MET A 85 -23.93 -15.18 -6.42
N HIS A 86 -22.80 -15.82 -6.70
CA HIS A 86 -22.76 -17.13 -7.38
C HIS A 86 -23.42 -17.15 -8.77
N PHE A 87 -23.46 -15.99 -9.42
CA PHE A 87 -24.04 -15.89 -10.76
C PHE A 87 -23.20 -16.69 -11.75
N PRO A 88 -23.81 -17.68 -12.42
CA PRO A 88 -23.02 -18.37 -13.44
C PRO A 88 -22.66 -17.43 -14.59
N CYS A 89 -21.51 -17.67 -15.20
CA CYS A 89 -21.09 -16.84 -16.31
C CYS A 89 -20.23 -17.68 -17.25
N HIS A 90 -20.65 -17.76 -18.50
CA HIS A 90 -19.84 -18.39 -19.52
C HIS A 90 -19.66 -17.42 -20.67
N MET A 91 -18.45 -16.92 -20.79
CA MET A 91 -18.15 -15.89 -21.78
C MET A 91 -18.15 -16.48 -23.17
N THR A 92 -18.87 -15.84 -24.08
CA THR A 92 -18.78 -16.18 -25.49
C THR A 92 -17.70 -15.30 -26.11
N ILE A 93 -16.89 -15.92 -26.95
CA ILE A 93 -15.77 -15.25 -27.58
C ILE A 93 -15.80 -15.70 -29.02
N GLU A 94 -16.17 -14.80 -29.93
CA GLU A 94 -16.17 -15.14 -31.33
C GLU A 94 -14.75 -15.55 -31.75
N PRO A 95 -14.64 -16.58 -32.61
CA PRO A 95 -13.38 -17.22 -32.98
C PRO A 95 -12.21 -16.28 -33.33
N ASN A 96 -12.49 -15.19 -34.03
CA ASN A 96 -11.44 -14.32 -34.54
C ASN A 96 -11.20 -13.07 -33.69
N THR A 97 -11.85 -13.00 -32.53
CA THR A 97 -11.80 -11.82 -31.66
C THR A 97 -10.39 -11.33 -31.39
N PHE A 98 -9.46 -12.24 -31.13
CA PHE A 98 -8.09 -11.86 -30.83
C PHE A 98 -7.17 -11.96 -32.05
N LEU A 99 -7.39 -12.97 -32.87
CA LEU A 99 -6.71 -13.07 -34.16
C LEU A 99 -6.77 -11.75 -34.92
N ALA A 100 -7.88 -11.01 -34.77
CA ALA A 100 -8.06 -9.71 -35.43
C ALA A 100 -7.26 -8.56 -34.78
N VAL A 101 -6.48 -8.87 -33.76
CA VAL A 101 -5.54 -7.92 -33.15
C VAL A 101 -4.16 -8.53 -33.30
N PRO A 102 -3.64 -8.54 -34.55
CA PRO A 102 -2.33 -9.17 -34.80
C PRO A 102 -1.11 -8.44 -34.19
N THR A 103 -1.31 -7.29 -33.55
CA THR A 103 -0.22 -6.62 -32.81
C THR A 103 -0.17 -6.97 -31.31
N LEU A 104 -1.19 -7.66 -30.81
CA LEU A 104 -1.34 -7.93 -29.37
C LEU A 104 -0.17 -8.70 -28.74
N GLU A 105 0.43 -8.13 -27.69
CA GLU A 105 1.57 -8.77 -27.00
C GLU A 105 1.23 -9.25 -25.58
N GLU A 106 0.29 -8.60 -24.91
CA GLU A 106 -0.03 -8.92 -23.52
C GLU A 106 -1.53 -9.06 -23.38
N LEU A 107 -1.97 -10.23 -22.90
CA LEU A 107 -3.38 -10.48 -22.70
C LEU A 107 -3.65 -10.98 -21.27
N ASN A 108 -4.59 -10.31 -20.61
CA ASN A 108 -5.08 -10.75 -19.31
C ASN A 108 -6.57 -11.04 -19.44
N LEU A 109 -6.90 -12.32 -19.38
CA LEU A 109 -8.27 -12.78 -19.42
C LEU A 109 -8.74 -13.32 -18.08
N SER A 110 -8.05 -12.98 -17.00
CA SER A 110 -8.31 -13.62 -15.72
C SER A 110 -9.70 -13.27 -15.16
N TYR A 111 -10.21 -14.14 -14.29
CA TYR A 111 -11.51 -13.95 -13.64
C TYR A 111 -12.66 -13.83 -14.63
N ASN A 112 -12.66 -14.76 -15.59
CA ASN A 112 -13.72 -14.87 -16.59
C ASN A 112 -14.06 -16.34 -16.82
N GLY A 113 -15.35 -16.62 -16.98
CA GLY A 113 -15.81 -18.00 -17.24
C GLY A 113 -15.53 -18.46 -18.65
N ILE A 114 -14.28 -18.77 -18.94
CA ILE A 114 -13.93 -19.36 -20.23
C ILE A 114 -13.44 -20.79 -19.97
N THR A 115 -13.76 -21.69 -20.88
CA THR A 115 -13.49 -23.11 -20.74
C THR A 115 -12.40 -23.64 -21.67
N THR A 116 -12.01 -22.84 -22.67
CA THR A 116 -10.90 -23.21 -23.57
C THR A 116 -10.08 -21.99 -23.96
N VAL A 117 -8.83 -22.23 -24.34
CA VAL A 117 -7.97 -21.17 -24.86
C VAL A 117 -8.54 -20.72 -26.20
N PRO A 118 -8.90 -19.44 -26.34
CA PRO A 118 -9.31 -18.98 -27.68
C PRO A 118 -8.11 -18.79 -28.59
N ALA A 119 -8.38 -18.64 -29.88
CA ALA A 119 -7.32 -18.50 -30.88
C ALA A 119 -6.60 -17.18 -30.66
N LEU A 120 -5.28 -17.27 -30.49
CA LEU A 120 -4.47 -16.10 -30.20
C LEU A 120 -3.48 -15.86 -31.32
N PRO A 121 -3.15 -14.59 -31.58
CA PRO A 121 -2.15 -14.31 -32.62
C PRO A 121 -0.75 -14.69 -32.14
N SER A 122 0.18 -14.89 -33.06
CA SER A 122 1.53 -15.35 -32.68
C SER A 122 2.48 -14.21 -32.26
N SER A 123 1.96 -12.99 -32.14
CA SER A 123 2.73 -11.90 -31.54
C SER A 123 2.75 -11.98 -30.01
N LEU A 124 1.87 -12.80 -29.43
CA LEU A 124 1.69 -12.81 -27.97
C LEU A 124 2.97 -13.17 -27.20
N VAL A 125 3.23 -12.38 -26.17
CA VAL A 125 4.41 -12.50 -25.32
C VAL A 125 4.03 -12.84 -23.88
N SER A 126 2.87 -12.37 -23.43
CA SER A 126 2.42 -12.59 -22.05
C SER A 126 0.92 -12.90 -22.02
N LEU A 127 0.58 -14.02 -21.41
CA LEU A 127 -0.81 -14.50 -21.36
C LEU A 127 -1.22 -14.89 -19.93
N ILE A 128 -2.25 -14.23 -19.41
CA ILE A 128 -2.73 -14.50 -18.05
C ILE A 128 -4.15 -15.04 -18.13
N LEU A 129 -4.33 -16.28 -17.65
CA LEU A 129 -5.60 -17.00 -17.75
C LEU A 129 -6.03 -17.53 -16.39
N SER A 130 -5.65 -16.79 -15.35
CA SER A 130 -5.90 -17.21 -13.99
C SER A 130 -7.39 -17.09 -13.68
N ARG A 131 -7.91 -17.94 -12.80
CA ARG A 131 -9.32 -17.89 -12.42
C ARG A 131 -10.25 -17.86 -13.63
N THR A 132 -10.00 -18.77 -14.54
CA THR A 132 -10.91 -19.11 -15.62
C THR A 132 -11.33 -20.58 -15.40
N ASN A 133 -11.98 -21.18 -16.38
CA ASN A 133 -12.38 -22.59 -16.23
C ASN A 133 -11.70 -23.53 -17.23
N ILE A 134 -10.55 -23.10 -17.75
CA ILE A 134 -9.71 -23.94 -18.59
C ILE A 134 -9.15 -25.05 -17.70
N LEU A 135 -9.43 -26.31 -18.06
CA LEU A 135 -9.06 -27.47 -17.23
C LEU A 135 -8.14 -28.46 -17.96
N GLN A 136 -7.73 -28.11 -19.18
CA GLN A 136 -6.89 -28.96 -20.01
C GLN A 136 -5.87 -28.06 -20.72
N LEU A 137 -4.66 -28.57 -20.89
CA LEU A 137 -3.65 -27.95 -21.75
C LEU A 137 -2.91 -29.04 -22.51
N ASP A 138 -2.78 -28.87 -23.81
CA ASP A 138 -2.16 -29.88 -24.64
C ASP A 138 -1.54 -29.16 -25.83
N PRO A 139 -0.81 -29.89 -26.69
CA PRO A 139 -0.05 -29.24 -27.77
C PRO A 139 -0.88 -28.41 -28.76
N THR A 140 -2.19 -28.66 -28.83
CA THR A 140 -3.07 -27.83 -29.65
C THR A 140 -3.53 -26.54 -28.95
N SER A 141 -3.25 -26.41 -27.65
CA SER A 141 -3.82 -25.32 -26.84
C SER A 141 -3.17 -23.97 -27.12
N LEU A 142 -1.84 -23.94 -27.18
CA LEU A 142 -1.11 -22.70 -27.47
C LEU A 142 -0.17 -22.88 -28.65
N THR A 143 -0.60 -23.69 -29.62
CA THR A 143 0.19 -23.92 -30.84
C THR A 143 0.69 -22.62 -31.46
N GLY A 144 1.97 -22.60 -31.83
CA GLY A 144 2.50 -21.51 -32.64
C GLY A 144 2.80 -20.21 -31.93
N LEU A 145 2.67 -20.18 -30.61
CA LEU A 145 2.97 -18.97 -29.83
C LEU A 145 4.46 -18.92 -29.44
N HIS A 146 5.32 -18.88 -30.46
CA HIS A 146 6.76 -19.00 -30.26
C HIS A 146 7.40 -17.79 -29.55
N ALA A 147 6.67 -16.68 -29.52
CA ALA A 147 7.12 -15.48 -28.80
C ALA A 147 6.85 -15.51 -27.28
N LEU A 148 5.87 -16.31 -26.86
CA LEU A 148 5.31 -16.21 -25.51
C LEU A 148 6.35 -16.46 -24.42
N ARG A 149 6.51 -15.51 -23.50
CA ARG A 149 7.50 -15.62 -22.43
C ARG A 149 6.89 -15.89 -21.05
N PHE A 150 5.64 -15.44 -20.85
CA PHE A 150 4.95 -15.54 -19.58
C PHE A 150 3.60 -16.23 -19.75
N LEU A 151 3.40 -17.33 -19.03
CA LEU A 151 2.08 -17.95 -18.95
C LEU A 151 1.64 -18.17 -17.48
N TYR A 152 0.61 -17.43 -17.07
CA TYR A 152 0.05 -17.54 -15.73
C TYR A 152 -1.32 -18.14 -15.83
N MET A 153 -1.54 -19.30 -15.20
CA MET A 153 -2.86 -19.88 -15.13
C MET A 153 -3.11 -20.51 -13.76
N ASP A 154 -3.34 -19.64 -12.78
CA ASP A 154 -3.57 -20.05 -11.42
C ASP A 154 -5.04 -19.99 -11.09
N GLY A 155 -5.49 -20.91 -10.24
CA GLY A 155 -6.82 -20.81 -9.66
C GLY A 155 -7.93 -21.25 -10.58
N ASN A 156 -7.66 -22.26 -11.39
CA ASN A 156 -8.69 -22.83 -12.25
C ASN A 156 -9.37 -24.04 -11.61
N CYS A 157 -8.82 -24.52 -10.49
CA CYS A 157 -9.48 -25.57 -9.72
C CYS A 157 -9.08 -25.55 -8.24
N TYR A 158 -9.83 -24.78 -7.46
CA TYR A 158 -9.65 -24.71 -6.02
C TYR A 158 -10.97 -24.27 -5.36
N TYR A 159 -10.96 -24.03 -4.06
CA TYR A 159 -12.23 -23.84 -3.34
C TYR A 159 -13.11 -22.71 -3.87
N LYS A 160 -12.52 -21.59 -4.30
CA LYS A 160 -13.31 -20.45 -4.83
C LYS A 160 -13.67 -20.62 -6.31
N ASN A 161 -13.19 -21.70 -6.92
CA ASN A 161 -13.44 -21.95 -8.33
C ASN A 161 -13.28 -23.45 -8.58
N PRO A 162 -14.16 -24.27 -7.98
CA PRO A 162 -14.01 -25.74 -8.02
C PRO A 162 -14.26 -26.32 -9.40
N CYS A 163 -13.69 -27.49 -9.67
CA CYS A 163 -13.89 -28.14 -10.96
C CYS A 163 -14.22 -29.64 -10.88
N GLY A 164 -14.27 -30.18 -9.66
CA GLY A 164 -14.65 -31.59 -9.45
C GLY A 164 -13.59 -32.60 -9.85
N ARG A 165 -12.42 -32.10 -10.25
CA ARG A 165 -11.35 -32.96 -10.73
C ARG A 165 -10.05 -32.17 -10.69
N ALA A 166 -9.00 -32.65 -11.37
CA ALA A 166 -7.73 -31.92 -11.47
C ALA A 166 -7.62 -31.24 -12.83
N LEU A 167 -6.73 -30.24 -12.91
CA LEU A 167 -6.29 -29.70 -14.19
C LEU A 167 -5.43 -30.76 -14.87
N GLU A 168 -5.50 -30.82 -16.20
CA GLU A 168 -4.74 -31.80 -16.96
C GLU A 168 -3.77 -31.10 -17.89
N VAL A 169 -2.49 -31.15 -17.55
CA VAL A 169 -1.44 -30.71 -18.45
C VAL A 169 -0.79 -31.96 -19.03
N ALA A 170 -1.02 -32.20 -20.32
CA ALA A 170 -0.49 -33.38 -20.99
C ALA A 170 1.03 -33.32 -21.13
N PRO A 171 1.68 -34.50 -21.23
CA PRO A 171 3.13 -34.49 -21.41
C PRO A 171 3.54 -33.70 -22.65
N GLY A 172 4.50 -32.81 -22.49
CA GLY A 172 5.00 -32.01 -23.60
C GLY A 172 4.04 -30.95 -24.11
N ALA A 173 2.92 -30.75 -23.40
CA ALA A 173 1.89 -29.82 -23.86
C ALA A 173 2.45 -28.45 -24.26
N LEU A 174 3.53 -28.04 -23.62
CA LEU A 174 4.12 -26.72 -23.82
C LEU A 174 5.50 -26.73 -24.48
N LEU A 175 5.98 -27.91 -24.90
CA LEU A 175 7.33 -28.02 -25.48
C LEU A 175 7.55 -27.12 -26.68
N GLY A 176 6.50 -26.85 -27.44
CA GLY A 176 6.58 -25.95 -28.58
C GLY A 176 6.92 -24.51 -28.22
N LEU A 177 6.65 -24.13 -26.97
CA LEU A 177 6.91 -22.78 -26.48
C LEU A 177 8.38 -22.62 -26.08
N GLY A 178 9.21 -22.27 -27.06
CA GLY A 178 10.67 -22.22 -26.89
C GLY A 178 11.21 -20.93 -26.28
N ASN A 179 10.34 -19.96 -26.01
CA ASN A 179 10.73 -18.74 -25.31
C ASN A 179 10.06 -18.58 -23.94
N LEU A 180 9.34 -19.63 -23.50
CA LEU A 180 8.60 -19.57 -22.23
C LEU A 180 9.54 -19.63 -21.03
N THR A 181 9.72 -18.48 -20.36
CA THR A 181 10.57 -18.36 -19.17
C THR A 181 9.81 -18.33 -17.82
N HIS A 182 8.52 -18.02 -17.85
CA HIS A 182 7.70 -17.82 -16.64
C HIS A 182 6.42 -18.62 -16.73
N LEU A 183 6.29 -19.61 -15.86
CA LEU A 183 5.11 -20.45 -15.84
C LEU A 183 4.58 -20.52 -14.43
N SER A 184 3.28 -20.26 -14.28
CA SER A 184 2.61 -20.40 -12.98
C SER A 184 1.34 -21.25 -13.10
N LEU A 185 1.19 -22.22 -12.21
CA LEU A 185 0.06 -23.15 -12.24
C LEU A 185 -0.37 -23.49 -10.81
N LYS A 186 -0.65 -22.46 -10.03
CA LYS A 186 -1.09 -22.63 -8.66
C LYS A 186 -2.58 -22.87 -8.61
N TYR A 187 -3.02 -23.51 -7.52
CA TYR A 187 -4.44 -23.62 -7.21
C TYR A 187 -5.20 -24.32 -8.34
N ASN A 188 -4.56 -25.35 -8.87
CA ASN A 188 -5.10 -26.09 -9.98
C ASN A 188 -5.39 -27.55 -9.64
N ASN A 189 -5.27 -27.88 -8.35
CA ASN A 189 -5.59 -29.21 -7.83
C ASN A 189 -4.72 -30.32 -8.41
N LEU A 190 -3.48 -29.96 -8.76
CA LEU A 190 -2.54 -30.89 -9.38
C LEU A 190 -1.92 -31.82 -8.36
N THR A 191 -1.61 -33.04 -8.77
CA THR A 191 -0.95 -34.03 -7.91
C THR A 191 0.46 -34.40 -8.36
N THR A 192 0.81 -34.15 -9.62
CA THR A 192 2.18 -34.32 -10.11
C THR A 192 2.62 -33.10 -10.94
N VAL A 193 3.92 -32.98 -11.16
CA VAL A 193 4.47 -31.92 -11.99
C VAL A 193 4.37 -32.35 -13.46
N PRO A 194 3.74 -31.53 -14.31
CA PRO A 194 3.60 -31.84 -15.74
C PRO A 194 4.91 -32.33 -16.38
N ARG A 195 4.82 -33.41 -17.16
CA ARG A 195 6.00 -34.01 -17.77
C ARG A 195 6.47 -33.15 -18.93
N SER A 196 7.79 -33.05 -19.07
CA SER A 196 8.40 -32.37 -20.21
C SER A 196 7.91 -30.93 -20.38
N LEU A 197 8.33 -30.09 -19.44
CA LEU A 197 8.11 -28.65 -19.51
C LEU A 197 9.30 -27.99 -20.24
N PRO A 198 9.05 -26.87 -20.92
CA PRO A 198 10.10 -26.21 -21.70
C PRO A 198 11.42 -26.09 -20.96
N PRO A 199 12.53 -26.56 -21.55
CA PRO A 199 13.82 -26.37 -20.89
C PRO A 199 14.24 -24.90 -20.73
N SER A 200 13.52 -23.97 -21.37
CA SER A 200 13.82 -22.55 -21.26
C SER A 200 13.34 -21.89 -19.96
N LEU A 201 12.57 -22.63 -19.15
CA LEU A 201 11.91 -22.06 -17.97
C LEU A 201 12.90 -21.54 -16.91
N GLU A 202 12.67 -20.30 -16.46
CA GLU A 202 13.47 -19.68 -15.40
C GLU A 202 12.66 -19.47 -14.11
N TYR A 203 11.34 -19.31 -14.23
CA TYR A 203 10.43 -19.20 -13.08
C TYR A 203 9.30 -20.22 -13.22
N LEU A 204 9.22 -21.13 -12.25
CA LEU A 204 8.19 -22.15 -12.22
C LEU A 204 7.51 -22.13 -10.86
N LEU A 205 6.27 -21.63 -10.84
CA LEU A 205 5.51 -21.57 -9.59
C LEU A 205 4.43 -22.64 -9.61
N LEU A 206 4.54 -23.62 -8.71
CA LEU A 206 3.60 -24.74 -8.60
C LEU A 206 2.95 -24.85 -7.21
N SER A 207 2.91 -23.75 -6.47
CA SER A 207 2.41 -23.77 -5.11
C SER A 207 0.91 -24.02 -5.01
N TYR A 208 0.48 -24.48 -3.85
CA TYR A 208 -0.93 -24.66 -3.53
C TYR A 208 -1.65 -25.61 -4.49
N ASN A 209 -0.98 -26.70 -4.80
CA ASN A 209 -1.61 -27.85 -5.46
C ASN A 209 -1.66 -29.00 -4.45
N HIS A 210 -1.60 -30.25 -4.91
CA HIS A 210 -1.44 -31.39 -4.01
C HIS A 210 -0.33 -32.31 -4.52
N ILE A 211 0.81 -31.68 -4.79
CA ILE A 211 2.01 -32.35 -5.25
C ILE A 211 2.83 -32.71 -4.00
N VAL A 212 2.53 -33.87 -3.41
CA VAL A 212 3.04 -34.23 -2.08
C VAL A 212 4.37 -35.00 -2.12
N THR A 213 4.90 -35.17 -3.32
CA THR A 213 6.07 -36.01 -3.56
C THR A 213 6.88 -35.36 -4.68
N LEU A 214 8.20 -35.31 -4.52
CA LEU A 214 9.08 -34.63 -5.47
C LEU A 214 10.44 -35.30 -5.60
N ALA A 215 10.92 -35.41 -6.83
CA ALA A 215 12.17 -36.10 -7.12
C ALA A 215 12.84 -35.44 -8.32
N PRO A 216 14.13 -35.74 -8.54
CA PRO A 216 14.86 -34.98 -9.56
C PRO A 216 14.27 -35.08 -10.98
N GLU A 217 13.61 -36.19 -11.31
CA GLU A 217 13.04 -36.37 -12.65
C GLU A 217 11.76 -35.56 -12.84
N ASP A 218 11.11 -35.21 -11.74
CA ASP A 218 9.97 -34.29 -11.78
C ASP A 218 10.39 -32.92 -12.29
N LEU A 219 11.68 -32.61 -12.17
CA LEU A 219 12.27 -31.38 -12.68
C LEU A 219 13.24 -31.64 -13.85
N ALA A 220 13.02 -32.73 -14.57
CA ALA A 220 13.88 -33.14 -15.67
C ALA A 220 14.11 -32.02 -16.67
N ASN A 221 15.37 -31.75 -16.98
CA ASN A 221 15.79 -30.80 -18.03
C ASN A 221 15.62 -29.31 -17.68
N LEU A 222 15.11 -29.01 -16.49
CA LEU A 222 14.80 -27.61 -16.17
C LEU A 222 15.98 -26.96 -15.44
N THR A 223 17.12 -26.94 -16.12
CA THR A 223 18.37 -26.45 -15.55
C THR A 223 18.56 -24.96 -15.70
N ALA A 224 17.62 -24.28 -16.37
CA ALA A 224 17.63 -22.83 -16.45
C ALA A 224 16.83 -22.18 -15.32
N LEU A 225 16.19 -22.99 -14.46
CA LEU A 225 15.36 -22.49 -13.35
C LEU A 225 16.10 -21.61 -12.38
N ARG A 226 15.58 -20.40 -12.19
CA ARG A 226 16.12 -19.44 -11.25
C ARG A 226 15.23 -19.32 -10.02
N VAL A 227 13.93 -19.55 -10.20
CA VAL A 227 12.99 -19.56 -9.09
C VAL A 227 12.07 -20.76 -9.21
N LEU A 228 11.98 -21.53 -8.13
CA LEU A 228 11.09 -22.67 -8.06
C LEU A 228 10.26 -22.51 -6.80
N ASP A 229 8.94 -22.47 -6.95
CA ASP A 229 8.01 -22.43 -5.83
C ASP A 229 7.15 -23.70 -5.81
N VAL A 230 7.38 -24.56 -4.82
CA VAL A 230 6.58 -25.78 -4.66
C VAL A 230 5.95 -25.83 -3.28
N GLY A 231 5.70 -24.67 -2.69
CA GLY A 231 5.13 -24.58 -1.36
C GLY A 231 3.62 -24.75 -1.35
N GLY A 232 3.06 -24.91 -0.16
CA GLY A 232 1.64 -25.08 -0.01
C GLY A 232 1.06 -26.32 -0.66
N ASN A 233 1.87 -27.37 -0.84
CA ASN A 233 1.37 -28.61 -1.46
C ASN A 233 1.06 -29.74 -0.50
N CYS A 234 1.50 -29.63 0.73
CA CYS A 234 1.00 -30.51 1.76
C CYS A 234 0.96 -29.62 3.01
N ARG A 235 -0.21 -29.01 3.17
CA ARG A 235 -0.40 -27.87 4.03
C ARG A 235 -0.76 -28.26 5.45
N ARG A 236 -0.54 -27.34 6.38
CA ARG A 236 -1.10 -27.41 7.73
C ARG A 236 -2.31 -26.48 7.79
N CYS A 237 -3.41 -26.95 8.38
CA CYS A 237 -4.66 -26.18 8.36
C CYS A 237 -5.13 -25.65 9.71
N ASP A 238 -4.46 -26.03 10.79
CA ASP A 238 -4.87 -25.62 12.14
C ASP A 238 -5.34 -24.14 12.27
N HIS A 239 -4.77 -23.21 11.51
CA HIS A 239 -5.21 -21.81 11.66
C HIS A 239 -5.53 -21.02 10.38
N ALA A 240 -6.16 -21.70 9.41
CA ALA A 240 -6.91 -21.03 8.33
C ALA A 240 -8.34 -21.05 8.86
N ARG A 241 -9.22 -20.06 8.66
CA ARG A 241 -9.33 -19.00 7.61
C ARG A 241 -10.13 -19.47 6.39
N ASN A 242 -9.53 -20.21 5.47
CA ASN A 242 -10.27 -20.73 4.32
C ASN A 242 -10.13 -22.24 4.20
N PRO A 243 -10.96 -22.85 3.33
CA PRO A 243 -10.85 -24.28 3.06
C PRO A 243 -9.41 -24.71 2.77
N CYS A 244 -9.00 -25.78 3.41
CA CYS A 244 -7.62 -26.21 3.43
C CYS A 244 -7.66 -27.71 3.67
N VAL A 245 -6.93 -28.47 2.85
CA VAL A 245 -6.74 -29.90 3.09
C VAL A 245 -5.43 -30.12 3.83
N GLU A 246 -5.48 -30.81 4.96
CA GLU A 246 -4.29 -31.13 5.74
C GLU A 246 -3.36 -32.05 4.97
N CYS A 247 -2.07 -31.96 5.24
CA CYS A 247 -1.10 -32.88 4.68
C CYS A 247 -1.35 -34.29 5.25
N PRO A 248 -1.52 -35.29 4.36
CA PRO A 248 -1.69 -36.69 4.80
C PRO A 248 -0.47 -37.21 5.54
N HIS A 249 -0.65 -38.22 6.39
CA HIS A 249 0.29 -38.48 7.48
C HIS A 249 1.78 -38.64 7.10
N LYS A 250 2.12 -39.54 6.18
CA LYS A 250 3.54 -39.83 5.90
C LYS A 250 4.16 -38.95 4.79
N PHE A 251 3.67 -37.72 4.67
CA PHE A 251 4.09 -36.82 3.61
C PHE A 251 4.52 -35.49 4.21
N PRO A 252 5.25 -34.66 3.43
CA PRO A 252 5.65 -34.84 2.04
C PRO A 252 6.87 -35.76 1.91
N GLN A 253 7.14 -36.20 0.69
CA GLN A 253 8.33 -37.00 0.42
C GLN A 253 9.18 -36.30 -0.61
N LEU A 254 10.02 -35.37 -0.13
CA LEU A 254 11.04 -34.74 -0.96
C LEU A 254 12.30 -35.57 -0.89
N HIS A 255 12.78 -36.02 -2.04
CA HIS A 255 13.97 -36.85 -2.08
C HIS A 255 15.20 -35.97 -1.90
N SER A 256 16.28 -36.60 -1.46
CA SER A 256 17.41 -35.86 -0.91
C SER A 256 18.25 -35.13 -1.99
N ASP A 257 17.98 -35.35 -3.27
CA ASP A 257 18.75 -34.70 -4.33
C ASP A 257 17.85 -34.08 -5.43
N THR A 258 16.62 -33.77 -5.04
CA THR A 258 15.61 -33.22 -5.95
C THR A 258 16.05 -31.97 -6.70
N PHE A 259 16.73 -31.08 -5.99
CA PHE A 259 17.09 -29.78 -6.52
C PHE A 259 18.57 -29.71 -6.92
N SER A 260 19.29 -30.81 -6.78
CA SER A 260 20.76 -30.77 -6.84
C SER A 260 21.35 -30.57 -8.25
N HIS A 261 20.49 -30.55 -9.28
CA HIS A 261 20.92 -30.28 -10.65
C HIS A 261 20.53 -28.86 -11.13
N LEU A 262 19.88 -28.10 -10.25
CA LEU A 262 19.43 -26.75 -10.56
C LEU A 262 20.47 -25.73 -10.09
N SER A 263 21.55 -25.59 -10.85
CA SER A 263 22.72 -24.83 -10.38
C SER A 263 22.53 -23.31 -10.53
N ARG A 264 21.54 -22.91 -11.32
CA ARG A 264 21.27 -21.50 -11.53
C ARG A 264 20.20 -20.99 -10.56
N LEU A 265 19.65 -21.89 -9.76
CA LEU A 265 18.53 -21.56 -8.88
C LEU A 265 18.91 -20.46 -7.86
N GLU A 266 18.14 -19.38 -7.86
CA GLU A 266 18.34 -18.24 -6.97
C GLU A 266 17.33 -18.22 -5.82
N GLY A 267 16.11 -18.66 -6.11
CA GLY A 267 15.02 -18.62 -5.14
C GLY A 267 14.34 -19.97 -5.05
N LEU A 268 14.03 -20.39 -3.83
CA LEU A 268 13.36 -21.66 -3.59
C LEU A 268 12.33 -21.49 -2.49
N VAL A 269 11.09 -21.88 -2.77
CA VAL A 269 10.00 -21.69 -1.81
C VAL A 269 9.45 -23.04 -1.38
N LEU A 270 9.60 -23.34 -0.10
CA LEU A 270 9.01 -24.55 0.47
C LEU A 270 8.09 -24.20 1.65
N LYS A 271 7.43 -23.04 1.61
CA LYS A 271 6.52 -22.68 2.70
C LYS A 271 5.36 -23.67 2.80
N ASP A 272 4.72 -23.70 3.96
CA ASP A 272 3.54 -24.54 4.25
C ASP A 272 3.61 -25.92 3.59
N SER A 273 4.69 -26.63 3.89
CA SER A 273 4.90 -27.97 3.35
C SER A 273 4.89 -29.03 4.45
N SER A 274 4.54 -28.63 5.66
CA SER A 274 4.47 -29.52 6.82
C SER A 274 5.79 -30.20 7.17
N LEU A 275 6.90 -29.49 6.97
CA LEU A 275 8.21 -30.03 7.29
C LEU A 275 8.50 -29.97 8.79
N TYR A 276 8.84 -31.11 9.37
CA TYR A 276 9.31 -31.19 10.74
C TYR A 276 10.84 -31.23 10.79
N GLN A 277 11.48 -31.20 9.62
CA GLN A 277 12.88 -31.61 9.49
C GLN A 277 13.46 -31.15 8.17
N LEU A 278 14.72 -30.75 8.18
CA LEU A 278 15.39 -30.38 6.93
C LEU A 278 16.45 -31.39 6.56
N ASN A 279 16.42 -31.82 5.30
CA ASN A 279 17.47 -32.67 4.74
C ASN A 279 18.61 -31.85 4.14
N PRO A 280 19.77 -31.80 4.81
CA PRO A 280 20.91 -31.03 4.30
C PRO A 280 21.18 -31.24 2.82
N ARG A 281 20.96 -32.46 2.34
CA ARG A 281 21.20 -32.82 0.96
C ARG A 281 20.35 -32.01 -0.03
N TRP A 282 19.18 -31.54 0.38
CA TRP A 282 18.34 -30.69 -0.48
C TRP A 282 19.09 -29.48 -1.02
N PHE A 283 19.95 -28.90 -0.18
CA PHE A 283 20.64 -27.65 -0.54
C PHE A 283 22.02 -27.87 -1.16
N ARG A 284 22.51 -29.11 -1.13
CA ARG A 284 23.80 -29.40 -1.76
C ARG A 284 23.76 -29.08 -3.25
N GLY A 285 24.79 -28.37 -3.71
CA GLY A 285 24.90 -27.97 -5.11
C GLY A 285 24.17 -26.69 -5.49
N LEU A 286 23.40 -26.13 -4.56
CA LEU A 286 22.66 -24.88 -4.82
C LEU A 286 23.53 -23.67 -4.46
N GLY A 287 24.55 -23.42 -5.29
CA GLY A 287 25.55 -22.39 -5.01
C GLY A 287 25.23 -20.99 -5.47
N ASN A 288 24.06 -20.81 -6.09
CA ASN A 288 23.56 -19.48 -6.46
C ASN A 288 22.34 -19.07 -5.62
N LEU A 289 21.96 -19.91 -4.66
CA LEU A 289 20.72 -19.70 -3.91
C LEU A 289 20.81 -18.46 -3.01
N THR A 290 19.98 -17.47 -3.29
CA THR A 290 19.98 -16.22 -2.50
C THR A 290 18.74 -16.04 -1.63
N VAL A 291 17.64 -16.74 -1.95
CA VAL A 291 16.40 -16.62 -1.20
C VAL A 291 15.78 -17.98 -0.86
N LEU A 292 15.52 -18.18 0.43
CA LEU A 292 14.89 -19.41 0.88
C LEU A 292 13.70 -19.14 1.82
N ASP A 293 12.54 -19.68 1.47
CA ASP A 293 11.32 -19.50 2.25
C ASP A 293 10.86 -20.84 2.83
N LEU A 294 11.00 -20.98 4.14
CA LEU A 294 10.59 -22.18 4.86
C LEU A 294 9.49 -21.85 5.85
N SER A 295 8.75 -20.78 5.61
CA SER A 295 7.73 -20.32 6.52
C SER A 295 6.54 -21.30 6.61
N GLU A 296 5.81 -21.24 7.72
CA GLU A 296 4.58 -21.98 7.90
C GLU A 296 4.76 -23.50 7.90
N ASN A 297 5.94 -23.95 8.29
CA ASN A 297 6.20 -25.38 8.46
C ASN A 297 6.17 -25.69 9.97
N PHE A 298 6.79 -26.77 10.40
CA PHE A 298 6.85 -27.14 11.82
C PHE A 298 8.30 -27.24 12.29
N LEU A 299 9.11 -26.22 11.99
CA LEU A 299 10.56 -26.31 12.13
C LEU A 299 11.12 -25.70 13.43
N TYR A 300 10.24 -25.36 14.36
CA TYR A 300 10.63 -24.80 15.67
C TYR A 300 11.69 -25.62 16.40
N ASP A 301 11.61 -26.94 16.37
CA ASP A 301 12.60 -27.79 17.06
C ASP A 301 13.81 -28.03 16.18
N CYS A 302 13.57 -28.28 14.90
CA CYS A 302 14.65 -28.49 13.93
C CYS A 302 15.66 -27.32 13.90
N ILE A 303 15.18 -26.08 13.91
CA ILE A 303 16.11 -24.93 13.80
C ILE A 303 17.01 -24.71 15.01
N THR A 304 16.81 -25.44 16.10
CA THR A 304 17.69 -25.36 17.25
C THR A 304 18.87 -26.32 17.15
N LYS A 305 18.78 -27.31 16.25
CA LYS A 305 19.85 -28.31 16.10
C LYS A 305 20.29 -28.62 14.66
N THR A 306 19.57 -28.14 13.65
CA THR A 306 19.89 -28.48 12.25
C THR A 306 21.28 -28.05 11.73
N LYS A 307 21.80 -28.86 10.82
CA LYS A 307 23.03 -28.58 10.08
C LYS A 307 22.75 -28.29 8.61
N ALA A 308 21.47 -28.19 8.25
CA ALA A 308 21.10 -28.04 6.85
C ALA A 308 21.62 -26.72 6.23
N PHE A 309 21.91 -25.73 7.07
CA PHE A 309 22.34 -24.41 6.57
C PHE A 309 23.84 -24.32 6.33
N GLN A 310 24.60 -25.30 6.81
CA GLN A 310 26.04 -25.33 6.60
C GLN A 310 26.30 -25.20 5.09
N GLY A 311 27.15 -24.25 4.71
CA GLY A 311 27.52 -24.07 3.31
C GLY A 311 26.53 -23.38 2.38
N LEU A 312 25.44 -22.83 2.90
CA LEU A 312 24.57 -21.95 2.11
C LEU A 312 25.12 -20.53 2.23
N ALA A 313 26.36 -20.37 1.77
CA ALA A 313 27.16 -19.20 2.09
C ALA A 313 26.78 -17.99 1.25
N GLN A 314 26.01 -18.22 0.19
CA GLN A 314 25.51 -17.14 -0.67
C GLN A 314 24.12 -16.67 -0.30
N LEU A 315 23.43 -17.41 0.56
CA LEU A 315 22.05 -17.10 0.90
C LEU A 315 21.93 -15.70 1.52
N ARG A 316 20.98 -14.91 1.03
CA ARG A 316 20.81 -13.53 1.48
C ARG A 316 19.50 -13.25 2.23
N ARG A 317 18.43 -13.95 1.86
CA ARG A 317 17.16 -13.84 2.58
C ARG A 317 16.67 -15.22 2.98
N LEU A 318 16.29 -15.35 4.25
CA LEU A 318 15.78 -16.61 4.79
C LEU A 318 14.51 -16.34 5.57
N ASN A 319 13.41 -16.98 5.20
CA ASN A 319 12.13 -16.79 5.87
C ASN A 319 11.74 -18.02 6.67
N LEU A 320 11.67 -17.88 7.99
CA LEU A 320 11.27 -18.99 8.88
C LEU A 320 10.01 -18.67 9.67
N SER A 321 9.19 -17.78 9.15
CA SER A 321 8.10 -17.21 9.92
C SER A 321 6.96 -18.22 10.06
N PHE A 322 6.19 -18.08 11.13
CA PHE A 322 5.04 -18.95 11.38
C PHE A 322 5.40 -20.44 11.45
N ASN A 323 6.57 -20.73 12.03
CA ASN A 323 6.93 -22.09 12.38
C ASN A 323 6.62 -22.25 13.85
N TYR A 324 5.34 -22.29 14.17
CA TYR A 324 4.86 -22.33 15.55
C TYR A 324 4.15 -23.64 15.92
N HIS A 325 4.30 -24.03 17.19
CA HIS A 325 3.55 -25.13 17.77
C HIS A 325 2.09 -24.91 17.48
N LYS A 326 1.43 -25.92 16.93
CA LYS A 326 0.05 -25.78 16.54
C LYS A 326 -0.94 -25.87 17.71
N LYS A 327 -0.46 -26.33 18.88
CA LYS A 327 -1.24 -26.20 20.14
C LYS A 327 -1.28 -24.73 20.58
N VAL A 328 -0.42 -23.91 19.98
CA VAL A 328 -0.26 -22.47 20.26
C VAL A 328 0.41 -22.26 21.62
N SER A 329 1.72 -22.51 21.66
CA SER A 329 2.53 -22.37 22.87
C SER A 329 3.95 -21.98 22.48
N PHE A 330 4.77 -21.68 23.49
CA PHE A 330 6.13 -21.22 23.25
C PHE A 330 7.01 -22.37 22.76
N ALA A 331 7.75 -22.11 21.68
CA ALA A 331 8.93 -22.92 21.35
C ALA A 331 10.08 -22.43 22.23
N HIS A 332 11.06 -23.29 22.49
CA HIS A 332 12.31 -22.86 23.08
C HIS A 332 13.27 -22.52 21.95
N LEU A 333 13.56 -21.24 21.77
CA LEU A 333 14.34 -20.84 20.63
C LEU A 333 15.80 -20.57 20.94
N THR A 334 16.65 -21.43 20.42
CA THR A 334 18.09 -21.28 20.46
C THR A 334 18.57 -21.69 19.09
N LEU A 335 19.08 -20.75 18.30
CA LEU A 335 19.41 -21.07 16.91
C LEU A 335 20.58 -22.04 16.80
N ALA A 336 20.40 -23.07 15.99
CA ALA A 336 21.46 -24.02 15.70
C ALA A 336 22.70 -23.27 15.27
N PRO A 337 23.89 -23.83 15.55
CA PRO A 337 25.13 -23.23 15.08
C PRO A 337 25.24 -22.98 13.58
N SER A 338 24.64 -23.85 12.75
CA SER A 338 24.78 -23.71 11.29
C SER A 338 24.15 -22.45 10.71
N PHE A 339 23.31 -21.76 11.48
CA PHE A 339 22.87 -20.41 11.09
C PHE A 339 24.09 -19.51 10.96
N GLY A 340 25.14 -19.82 11.70
CA GLY A 340 26.40 -19.09 11.63
C GLY A 340 27.14 -19.22 10.30
N SER A 341 26.80 -20.25 9.54
CA SER A 341 27.40 -20.47 8.22
C SER A 341 26.78 -19.60 7.13
N LEU A 342 25.72 -18.85 7.46
CA LEU A 342 25.04 -18.02 6.47
C LEU A 342 25.77 -16.69 6.29
N LEU A 343 26.99 -16.79 5.76
CA LEU A 343 27.96 -15.71 5.76
C LEU A 343 27.48 -14.49 4.98
N SER A 344 26.62 -14.70 3.98
CA SER A 344 26.08 -13.60 3.17
C SER A 344 24.67 -13.12 3.59
N LEU A 345 24.14 -13.64 4.70
CA LEU A 345 22.75 -13.37 5.10
C LEU A 345 22.53 -11.87 5.38
N GLN A 346 21.56 -11.29 4.68
CA GLN A 346 21.16 -9.90 4.88
C GLN A 346 19.85 -9.77 5.65
N GLU A 347 18.96 -10.72 5.45
CA GLU A 347 17.61 -10.59 5.95
C GLU A 347 17.17 -11.90 6.60
N LEU A 348 16.64 -11.81 7.80
CA LEU A 348 16.13 -13.00 8.48
C LEU A 348 14.78 -12.73 9.08
N ASP A 349 13.79 -13.50 8.64
CA ASP A 349 12.43 -13.36 9.13
C ASP A 349 12.10 -14.53 10.03
N MET A 350 11.84 -14.23 11.29
CA MET A 350 11.52 -15.22 12.29
C MET A 350 10.30 -14.81 13.09
N HIS A 351 9.35 -14.15 12.44
CA HIS A 351 8.19 -13.67 13.13
C HIS A 351 7.13 -14.78 13.21
N GLY A 352 6.35 -14.77 14.28
CA GLY A 352 5.30 -15.78 14.47
C GLY A 352 5.78 -17.20 14.73
N ILE A 353 6.90 -17.33 15.44
CA ILE A 353 7.36 -18.65 15.90
C ILE A 353 6.82 -18.91 17.31
N PHE A 354 6.75 -17.86 18.14
CA PHE A 354 6.33 -17.90 19.55
C PHE A 354 7.42 -18.48 20.45
N PHE A 355 8.13 -17.60 21.15
CA PHE A 355 9.09 -18.00 22.17
C PHE A 355 9.16 -16.94 23.27
N ARG A 356 9.38 -17.40 24.50
CA ARG A 356 9.25 -16.55 25.69
C ARG A 356 10.36 -15.54 25.85
N SER A 357 11.56 -15.86 25.37
CA SER A 357 12.76 -15.18 25.80
C SER A 357 13.72 -14.80 24.69
N LEU A 358 14.15 -13.53 24.70
CA LEU A 358 15.20 -13.10 23.79
C LEU A 358 16.44 -12.76 24.60
N SER A 359 17.46 -13.61 24.50
CA SER A 359 18.69 -13.37 25.22
C SER A 359 19.91 -13.68 24.37
N GLN A 360 21.07 -13.69 25.03
CA GLN A 360 22.37 -13.99 24.42
C GLN A 360 22.37 -15.33 23.68
N LYS A 361 21.82 -16.36 24.32
CA LYS A 361 21.75 -17.69 23.71
C LYS A 361 20.89 -17.66 22.45
N THR A 362 19.80 -16.92 22.49
CA THR A 362 18.78 -16.98 21.44
C THR A 362 19.34 -16.81 20.01
N LEU A 363 20.06 -15.72 19.76
CA LEU A 363 20.55 -15.45 18.40
C LEU A 363 22.07 -15.57 18.26
N GLN A 364 22.70 -16.25 19.20
CA GLN A 364 24.17 -16.30 19.30
C GLN A 364 24.89 -16.46 17.95
N PRO A 365 24.60 -17.51 17.18
CA PRO A 365 25.30 -17.76 15.91
C PRO A 365 25.15 -16.66 14.84
N LEU A 366 24.13 -15.80 15.00
CA LEU A 366 23.92 -14.69 14.06
C LEU A 366 24.81 -13.49 14.36
N ALA A 367 25.25 -13.40 15.61
CA ALA A 367 25.81 -12.18 16.16
C ALA A 367 26.93 -11.56 15.32
N ARG A 368 27.77 -12.39 14.70
CA ARG A 368 28.93 -11.88 13.96
C ARG A 368 28.79 -11.98 12.44
N LEU A 369 27.61 -12.33 11.95
CA LEU A 369 27.38 -12.30 10.52
C LEU A 369 27.60 -10.86 10.04
N PRO A 370 28.53 -10.66 9.08
CA PRO A 370 28.96 -9.31 8.76
C PRO A 370 27.97 -8.50 7.93
N MET A 371 27.02 -9.15 7.27
CA MET A 371 26.10 -8.44 6.40
C MET A 371 24.65 -8.38 6.88
N LEU A 372 24.34 -8.99 8.01
CA LEU A 372 22.96 -9.11 8.49
C LEU A 372 22.37 -7.73 8.81
N GLN A 373 21.32 -7.34 8.09
CA GLN A 373 20.81 -5.96 8.19
C GLN A 373 19.41 -5.87 8.79
N ARG A 374 18.53 -6.80 8.38
CA ARG A 374 17.14 -6.76 8.77
C ARG A 374 16.79 -8.05 9.50
N LEU A 375 16.09 -7.88 10.62
CA LEU A 375 15.82 -8.96 11.54
C LEU A 375 14.38 -8.83 12.01
N TYR A 376 13.53 -9.70 11.49
CA TYR A 376 12.11 -9.62 11.81
C TYR A 376 11.79 -10.59 12.94
N LEU A 377 11.48 -10.05 14.11
CA LEU A 377 11.11 -10.86 15.28
C LEU A 377 9.77 -10.47 15.89
N GLN A 378 8.90 -9.87 15.09
CA GLN A 378 7.58 -9.47 15.58
C GLN A 378 6.68 -10.68 15.84
N MET A 379 5.61 -10.45 16.60
CA MET A 379 4.54 -11.44 16.84
C MET A 379 5.02 -12.75 17.47
N ASN A 380 6.01 -12.66 18.37
CA ASN A 380 6.54 -13.85 19.04
C ASN A 380 6.11 -13.99 20.50
N PHE A 381 5.37 -13.01 21.01
CA PHE A 381 5.01 -12.92 22.42
C PHE A 381 6.20 -13.09 23.35
N ILE A 382 7.30 -12.41 23.02
CA ILE A 382 8.49 -12.43 23.86
C ILE A 382 8.14 -11.59 25.08
N ASN A 383 8.45 -12.05 26.28
CA ASN A 383 8.20 -11.24 27.47
C ASN A 383 9.43 -10.97 28.37
N GLN A 384 10.58 -11.45 27.93
CA GLN A 384 11.87 -11.10 28.52
C GLN A 384 12.86 -10.94 27.39
N ALA A 385 13.43 -9.76 27.26
CA ALA A 385 14.40 -9.48 26.21
C ALA A 385 15.58 -8.68 26.73
N GLN A 386 16.79 -9.20 26.50
CA GLN A 386 17.99 -8.43 26.72
C GLN A 386 18.25 -7.67 25.44
N LEU A 387 17.94 -6.39 25.43
CA LEU A 387 18.12 -5.58 24.23
C LEU A 387 19.58 -5.20 23.95
N GLY A 388 20.46 -5.44 24.92
CA GLY A 388 21.89 -5.17 24.78
C GLY A 388 22.60 -6.07 23.80
N ILE A 389 21.98 -7.22 23.50
CA ILE A 389 22.55 -8.22 22.59
C ILE A 389 22.78 -7.70 21.16
N PHE A 390 22.08 -6.62 20.78
CA PHE A 390 22.17 -6.08 19.43
C PHE A 390 23.30 -5.07 19.20
N LYS A 391 23.97 -4.64 20.27
CA LYS A 391 25.14 -3.75 20.11
C LYS A 391 26.26 -4.40 19.29
N ASP A 392 26.42 -5.71 19.45
CA ASP A 392 27.52 -6.45 18.84
C ASP A 392 27.09 -7.28 17.62
N PHE A 393 26.18 -6.72 16.83
CA PHE A 393 25.88 -7.21 15.49
C PHE A 393 26.48 -6.17 14.56
N PRO A 394 27.42 -6.56 13.69
CA PRO A 394 28.20 -5.52 13.00
C PRO A 394 27.46 -4.69 11.92
N GLY A 395 26.30 -5.15 11.47
CA GLY A 395 25.65 -4.55 10.31
C GLY A 395 24.16 -4.25 10.44
N LEU A 396 23.62 -4.30 11.66
CA LEU A 396 22.17 -4.17 11.86
C LEU A 396 21.58 -2.81 11.51
N ARG A 397 20.55 -2.83 10.68
CA ARG A 397 19.83 -1.63 10.27
C ARG A 397 18.36 -1.59 10.72
N TYR A 398 17.79 -2.74 11.05
CA TYR A 398 16.36 -2.81 11.31
C TYR A 398 16.00 -4.03 12.15
N ILE A 399 15.38 -3.80 13.30
CA ILE A 399 14.85 -4.88 14.13
C ILE A 399 13.38 -4.63 14.41
N ASP A 400 12.55 -5.61 14.08
CA ASP A 400 11.13 -5.55 14.35
C ASP A 400 10.82 -6.48 15.52
N LEU A 401 10.63 -5.90 16.69
CA LEU A 401 10.16 -6.62 17.86
C LEU A 401 8.75 -6.18 18.23
N SER A 402 7.99 -5.66 17.28
CA SER A 402 6.63 -5.26 17.56
C SER A 402 5.77 -6.47 17.91
N ASP A 403 4.62 -6.23 18.54
CA ASP A 403 3.70 -7.30 18.90
C ASP A 403 4.37 -8.40 19.68
N ASN A 404 5.03 -8.01 20.77
CA ASN A 404 5.53 -8.96 21.74
C ASN A 404 4.99 -8.48 23.08
N ARG A 405 5.47 -9.04 24.18
CA ARG A 405 5.03 -8.64 25.52
C ARG A 405 6.24 -8.29 26.38
N ILE A 406 7.21 -7.61 25.76
CA ILE A 406 8.36 -7.09 26.48
C ILE A 406 7.86 -5.99 27.42
N SER A 407 8.54 -5.79 28.55
CA SER A 407 8.12 -4.73 29.49
C SER A 407 9.25 -4.02 30.25
N GLY A 408 10.51 -4.36 29.98
CA GLY A 408 11.63 -3.62 30.60
C GLY A 408 13.01 -4.22 30.43
N ALA A 409 13.91 -3.85 31.35
CA ALA A 409 15.25 -4.43 31.41
C ALA A 409 15.19 -5.85 31.96
N VAL A 410 16.27 -6.61 31.77
CA VAL A 410 16.27 -8.03 32.16
C VAL A 410 16.30 -8.23 33.68
N GLU A 411 15.45 -9.12 34.16
CA GLU A 411 15.37 -9.45 35.59
C GLU A 411 16.07 -10.77 35.88
N GLU A 443 6.38 11.04 3.84
CA GLU A 443 5.17 11.84 4.07
C GLU A 443 5.55 13.23 4.60
N ASP A 444 4.69 14.22 4.38
CA ASP A 444 5.02 15.63 4.62
C ASP A 444 5.10 16.05 6.10
N PHE A 445 4.28 15.44 6.96
CA PHE A 445 4.20 15.82 8.38
C PHE A 445 5.00 14.92 9.33
N MET A 446 5.30 13.69 8.92
CA MET A 446 6.07 12.78 9.74
C MET A 446 6.84 11.82 8.82
N PRO A 447 8.17 11.97 8.74
CA PRO A 447 8.96 11.16 7.81
C PRO A 447 9.11 9.72 8.28
N SER A 448 9.45 8.83 7.36
CA SER A 448 9.71 7.43 7.72
C SER A 448 11.18 7.26 8.09
N CYS A 449 11.47 6.15 8.76
CA CYS A 449 12.81 5.84 9.23
C CYS A 449 13.62 5.01 8.21
N LYS A 450 13.06 4.82 7.01
CA LYS A 450 13.56 3.78 6.10
C LYS A 450 14.98 3.98 5.56
N ASN A 451 15.38 5.23 5.33
CA ASN A 451 16.75 5.50 4.90
C ASN A 451 17.73 5.71 6.06
N LEU A 452 17.26 5.53 7.29
CA LEU A 452 18.13 5.68 8.46
C LEU A 452 18.96 4.42 8.66
N SER A 453 19.98 4.52 9.52
CA SER A 453 20.97 3.45 9.67
C SER A 453 20.59 2.40 10.71
N PHE A 454 19.75 2.77 11.68
CA PHE A 454 19.43 1.83 12.75
C PHE A 454 18.07 2.13 13.40
N THR A 455 17.12 1.23 13.17
CA THR A 455 15.75 1.41 13.60
C THR A 455 15.31 0.22 14.45
N LEU A 456 14.63 0.50 15.56
CA LEU A 456 14.07 -0.52 16.41
C LEU A 456 12.59 -0.22 16.66
N ASP A 457 11.72 -1.17 16.33
CA ASP A 457 10.29 -1.03 16.51
C ASP A 457 9.87 -1.90 17.69
N LEU A 458 9.38 -1.26 18.76
CA LEU A 458 8.86 -1.95 19.93
C LEU A 458 7.38 -1.60 20.17
N SER A 459 6.67 -1.33 19.09
CA SER A 459 5.26 -0.98 19.17
C SER A 459 4.45 -2.21 19.54
N ARG A 460 3.29 -2.00 20.16
CA ARG A 460 2.36 -3.08 20.54
C ARG A 460 2.98 -4.15 21.44
N ASN A 461 3.74 -3.69 22.42
CA ASN A 461 4.15 -4.54 23.53
C ASN A 461 3.27 -4.19 24.73
N ASN A 462 3.66 -4.55 25.94
CA ASN A 462 2.95 -4.07 27.12
C ASN A 462 3.87 -3.22 27.96
N LEU A 463 4.46 -2.23 27.32
CA LEU A 463 5.28 -1.26 28.01
C LEU A 463 4.35 -0.26 28.70
N VAL A 464 4.56 -0.12 30.00
CA VAL A 464 3.83 0.83 30.82
C VAL A 464 4.76 1.97 31.24
N THR A 465 6.00 1.61 31.53
CA THR A 465 7.02 2.56 31.92
C THR A 465 8.26 2.26 31.10
N VAL A 466 9.01 3.30 30.78
CA VAL A 466 10.29 3.17 30.10
C VAL A 466 11.43 3.45 31.08
N GLN A 467 12.20 2.42 31.41
CA GLN A 467 13.42 2.60 32.17
C GLN A 467 14.55 2.96 31.21
N PRO A 468 15.37 3.96 31.56
CA PRO A 468 16.44 4.40 30.66
C PRO A 468 17.54 3.38 30.46
N GLU A 469 17.62 2.39 31.35
CA GLU A 469 18.64 1.34 31.24
C GLU A 469 18.33 0.27 30.17
N MET A 470 17.09 0.24 29.66
CA MET A 470 16.73 -0.66 28.56
C MET A 470 17.57 -0.41 27.32
N PHE A 471 17.90 0.86 27.10
CA PHE A 471 18.58 1.30 25.89
C PHE A 471 20.04 1.67 26.15
N ALA A 472 20.58 1.28 27.30
CA ALA A 472 21.95 1.63 27.66
C ALA A 472 22.98 1.10 26.65
N GLN A 473 22.67 -0.02 26.03
CA GLN A 473 23.56 -0.60 25.02
C GLN A 473 23.10 -0.27 23.60
N LEU A 474 22.31 0.79 23.43
CA LEU A 474 21.71 1.10 22.13
C LEU A 474 21.94 2.55 21.72
N SER A 475 23.11 3.09 22.06
CA SER A 475 23.40 4.50 21.79
C SER A 475 23.32 4.83 20.30
N ARG A 476 23.55 3.84 19.44
CA ARG A 476 23.59 4.04 17.98
C ARG A 476 22.20 4.12 17.30
N LEU A 477 21.13 3.80 18.03
CA LEU A 477 19.76 3.90 17.49
C LEU A 477 19.45 5.27 16.92
N GLN A 478 18.95 5.31 15.69
CA GLN A 478 18.50 6.55 15.06
C GLN A 478 16.97 6.70 15.04
N CYS A 479 16.24 5.58 15.03
CA CYS A 479 14.79 5.62 15.05
C CYS A 479 14.27 4.60 16.05
N LEU A 480 13.35 5.02 16.90
CA LEU A 480 12.75 4.15 17.90
C LEU A 480 11.24 4.34 17.86
N ARG A 481 10.52 3.24 17.70
CA ARG A 481 9.09 3.26 17.65
C ARG A 481 8.53 2.59 18.88
N LEU A 482 7.74 3.33 19.67
CA LEU A 482 7.07 2.79 20.86
C LEU A 482 5.56 3.02 20.83
N SER A 483 4.97 3.05 19.64
CA SER A 483 3.54 3.34 19.53
C SER A 483 2.71 2.16 20.02
N HIS A 484 1.46 2.44 20.37
CA HIS A 484 0.50 1.41 20.82
C HIS A 484 1.05 0.54 21.95
N ASN A 485 1.68 1.17 22.92
CA ASN A 485 1.91 0.54 24.22
C ASN A 485 0.89 1.15 25.19
N SER A 486 1.12 1.00 26.49
CA SER A 486 0.28 1.69 27.47
C SER A 486 1.16 2.58 28.33
N ILE A 487 2.14 3.20 27.69
CA ILE A 487 3.11 4.01 28.40
C ILE A 487 2.35 5.16 29.07
N SER A 488 2.36 5.15 30.40
CA SER A 488 1.74 6.17 31.25
C SER A 488 2.75 6.75 32.24
N GLN A 489 4.03 6.67 31.87
CA GLN A 489 5.10 7.17 32.71
C GLN A 489 5.26 8.69 32.60
N ALA A 490 5.80 9.29 33.67
CA ALA A 490 6.16 10.70 33.67
C ALA A 490 7.33 10.93 32.72
N VAL A 491 7.10 11.71 31.67
CA VAL A 491 8.15 12.05 30.72
C VAL A 491 8.79 13.36 31.18
N ASN A 492 9.99 13.27 31.72
CA ASN A 492 10.60 14.40 32.43
C ASN A 492 12.10 14.57 32.16
N GLY A 493 12.58 14.11 31.02
CA GLY A 493 13.99 14.28 30.66
C GLY A 493 14.96 13.24 31.20
N SER A 494 14.45 12.13 31.74
CA SER A 494 15.30 11.08 32.34
C SER A 494 14.98 9.67 31.83
N GLN A 495 14.19 9.58 30.75
CA GLN A 495 13.69 8.29 30.29
C GLN A 495 14.55 7.68 29.18
N PHE A 496 15.17 8.54 28.36
CA PHE A 496 15.86 8.10 27.15
C PHE A 496 17.33 8.53 27.07
N VAL A 497 17.96 8.71 28.23
CA VAL A 497 19.30 9.32 28.34
C VAL A 497 20.40 8.70 27.45
N PRO A 498 20.49 7.36 27.37
CA PRO A 498 21.56 6.75 26.58
C PRO A 498 21.46 7.00 25.08
N LEU A 499 20.26 7.32 24.59
CA LEU A 499 19.99 7.33 23.16
C LEU A 499 20.43 8.62 22.49
N THR A 500 21.74 8.84 22.48
CA THR A 500 22.29 10.12 22.08
C THR A 500 22.32 10.33 20.57
N SER A 501 22.04 9.29 19.78
CA SER A 501 21.98 9.41 18.32
C SER A 501 20.55 9.43 17.75
N LEU A 502 19.56 9.24 18.62
CA LEU A 502 18.17 9.08 18.17
C LEU A 502 17.64 10.32 17.45
N GLN A 503 17.16 10.13 16.23
CA GLN A 503 16.59 11.21 15.40
C GLN A 503 15.07 11.14 15.30
N VAL A 504 14.50 9.96 15.55
CA VAL A 504 13.07 9.76 15.39
C VAL A 504 12.49 8.96 16.56
N LEU A 505 11.44 9.50 17.18
CA LEU A 505 10.77 8.83 18.28
C LEU A 505 9.26 8.82 18.09
N ASP A 506 8.70 7.63 17.96
CA ASP A 506 7.27 7.47 17.82
C ASP A 506 6.74 7.04 19.17
N LEU A 507 6.01 7.94 19.82
CA LEU A 507 5.30 7.61 21.05
C LEU A 507 3.79 7.76 20.89
N SER A 508 3.30 7.70 19.65
CA SER A 508 1.88 7.80 19.38
C SER A 508 1.11 6.65 20.00
N HIS A 509 -0.17 6.88 20.28
CA HIS A 509 -1.08 5.87 20.84
C HIS A 509 -0.64 5.27 22.17
N ASN A 510 -0.30 6.13 23.13
CA ASN A 510 0.04 5.68 24.48
C ASN A 510 -0.87 6.35 25.53
N LYS A 511 -0.45 6.34 26.80
CA LYS A 511 -1.24 6.96 27.86
C LYS A 511 -0.45 8.00 28.64
N LEU A 512 0.39 8.75 27.93
CA LEU A 512 1.11 9.90 28.49
C LEU A 512 0.15 10.94 29.07
N ASP A 513 0.33 11.21 30.37
CA ASP A 513 -0.53 12.13 31.13
C ASP A 513 -0.18 13.58 30.90
N LEU A 514 1.10 13.89 31.02
CA LEU A 514 1.53 15.26 31.27
C LEU A 514 2.92 15.52 30.72
N TYR A 515 3.01 16.52 29.85
CA TYR A 515 4.26 16.93 29.27
C TYR A 515 4.89 17.99 30.16
N HIS A 516 6.13 17.74 30.55
CA HIS A 516 6.91 18.70 31.32
C HIS A 516 7.89 19.46 30.45
N GLY A 517 8.38 20.59 30.96
CA GLY A 517 9.35 21.42 30.28
C GLY A 517 10.63 20.70 29.87
N ARG A 518 11.00 19.64 30.59
CA ARG A 518 12.20 18.88 30.25
C ARG A 518 11.94 17.56 29.54
N SER A 519 10.69 17.34 29.12
CA SER A 519 10.32 16.12 28.40
C SER A 519 11.10 16.01 27.10
N PHE A 520 11.75 14.87 26.89
CA PHE A 520 12.53 14.59 25.67
C PHE A 520 13.80 15.42 25.48
N THR A 521 14.16 16.28 26.45
CA THR A 521 15.38 17.12 26.31
C THR A 521 16.71 16.35 26.49
N GLU A 522 16.63 15.10 26.94
CA GLU A 522 17.79 14.22 26.96
C GLU A 522 18.17 13.70 25.55
N LEU A 523 17.33 13.96 24.56
CA LEU A 523 17.56 13.47 23.20
C LEU A 523 18.10 14.58 22.29
N PRO A 524 19.44 14.81 22.31
CA PRO A 524 20.02 16.00 21.67
C PRO A 524 19.89 16.08 20.14
N ARG A 525 19.86 14.91 19.48
CA ARG A 525 19.83 14.84 18.01
C ARG A 525 18.42 14.61 17.42
N LEU A 526 17.39 14.76 18.24
CA LEU A 526 16.02 14.42 17.85
C LEU A 526 15.47 15.32 16.76
N GLU A 527 14.96 14.72 15.68
CA GLU A 527 14.42 15.46 14.54
C GLU A 527 12.89 15.31 14.36
N ALA A 528 12.34 14.17 14.75
CA ALA A 528 10.91 13.90 14.59
C ALA A 528 10.37 13.28 15.86
N LEU A 529 9.20 13.73 16.27
CA LEU A 529 8.57 13.26 17.51
C LEU A 529 7.07 13.13 17.33
N ASP A 530 6.55 11.92 17.41
CA ASP A 530 5.13 11.68 17.26
C ASP A 530 4.50 11.39 18.63
N LEU A 531 3.60 12.26 19.06
CA LEU A 531 2.90 12.09 20.35
C LEU A 531 1.40 12.04 20.14
N SER A 532 0.98 11.83 18.89
CA SER A 532 -0.42 11.77 18.55
C SER A 532 -1.11 10.70 19.38
N TYR A 533 -2.40 10.87 19.58
CA TYR A 533 -3.21 9.89 20.33
C TYR A 533 -2.69 9.61 21.73
N ASN A 534 -2.35 10.67 22.45
CA ASN A 534 -2.13 10.62 23.89
C ASN A 534 -3.05 11.62 24.62
N SER A 535 -3.96 11.08 25.43
CA SER A 535 -5.05 11.88 25.96
C SER A 535 -5.61 11.29 27.25
N GLN A 536 -5.13 11.83 28.37
CA GLN A 536 -5.46 11.36 29.71
C GLN A 536 -5.91 12.55 30.57
N PRO A 537 -7.06 13.16 30.23
CA PRO A 537 -7.49 14.44 30.82
C PRO A 537 -7.77 14.42 32.33
N PHE A 538 -7.98 13.24 32.92
CA PHE A 538 -8.14 13.13 34.38
C PHE A 538 -6.82 12.92 35.11
N SER A 539 -5.74 12.67 34.37
CA SER A 539 -4.48 12.30 34.97
C SER A 539 -3.43 13.40 34.84
N MET A 540 -3.85 14.65 34.71
CA MET A 540 -2.89 15.74 34.54
C MET A 540 -2.34 16.27 35.87
N ARG A 541 -2.72 15.64 36.99
CA ARG A 541 -2.22 15.98 38.33
C ARG A 541 -2.60 17.38 38.78
N GLY A 542 -3.75 17.83 38.31
CA GLY A 542 -4.26 19.14 38.65
C GLY A 542 -3.57 20.31 37.97
N VAL A 543 -2.73 20.07 36.97
CA VAL A 543 -2.09 21.17 36.27
C VAL A 543 -2.31 20.99 34.76
N GLY A 544 -1.51 21.67 33.94
CA GLY A 544 -1.62 21.56 32.49
C GLY A 544 -0.34 21.11 31.83
N HIS A 545 -0.42 20.87 30.53
CA HIS A 545 0.75 20.56 29.73
C HIS A 545 1.74 21.73 29.68
N ASN A 546 3.01 21.43 29.88
CA ASN A 546 4.08 22.41 29.70
C ASN A 546 4.75 22.10 28.38
N LEU A 547 4.40 22.86 27.36
CA LEU A 547 4.95 22.68 26.02
C LEU A 547 6.27 23.44 25.81
N SER A 548 6.91 23.90 26.88
CA SER A 548 8.17 24.62 26.75
C SER A 548 9.35 23.73 26.29
N PHE A 549 9.20 22.41 26.35
CA PHE A 549 10.22 21.47 25.89
C PHE A 549 10.47 21.54 24.39
N VAL A 550 9.49 22.00 23.63
CA VAL A 550 9.66 22.21 22.20
C VAL A 550 10.73 23.28 21.93
N ALA A 551 10.78 24.29 22.78
CA ALA A 551 11.80 25.33 22.66
C ALA A 551 13.20 24.80 23.05
N GLN A 552 13.24 23.67 23.78
CA GLN A 552 14.49 23.06 24.25
C GLN A 552 15.14 22.06 23.28
N LEU A 553 14.42 21.66 22.24
CA LEU A 553 14.91 20.64 21.31
C LEU A 553 15.38 21.31 20.04
N PRO A 554 16.69 21.57 19.93
CA PRO A 554 17.17 22.48 18.89
C PRO A 554 17.18 21.90 17.46
N THR A 555 17.14 20.59 17.30
CA THR A 555 17.17 20.00 15.95
C THR A 555 15.80 19.53 15.46
N LEU A 556 14.76 19.75 16.25
CA LEU A 556 13.43 19.17 15.99
C LEU A 556 12.76 19.76 14.77
N ARG A 557 12.34 18.89 13.84
CA ARG A 557 11.77 19.35 12.56
C ARG A 557 10.30 19.03 12.39
N TYR A 558 9.90 17.87 12.90
CA TYR A 558 8.52 17.41 12.79
C TYR A 558 7.99 17.04 14.17
N LEU A 559 6.82 17.58 14.49
CA LEU A 559 6.17 17.30 15.74
C LEU A 559 4.70 17.03 15.50
N SER A 560 4.17 15.96 16.09
CA SER A 560 2.73 15.71 16.09
C SER A 560 2.18 15.68 17.49
N LEU A 561 1.16 16.50 17.72
CA LEU A 561 0.38 16.52 18.96
C LEU A 561 -1.09 16.23 18.64
N ALA A 562 -1.32 15.60 17.50
CA ALA A 562 -2.65 15.27 17.04
C ALA A 562 -3.42 14.41 18.03
N HIS A 563 -4.73 14.54 18.04
CA HIS A 563 -5.61 13.76 18.92
C HIS A 563 -5.10 13.65 20.35
N ASN A 564 -4.71 14.79 20.90
CA ASN A 564 -4.31 14.89 22.30
C ASN A 564 -5.42 15.44 23.19
N GLY A 565 -6.49 15.95 22.58
CA GLY A 565 -7.61 16.53 23.33
C GLY A 565 -7.23 17.78 24.10
N ILE A 566 -6.36 18.59 23.52
CA ILE A 566 -5.91 19.82 24.14
C ILE A 566 -7.03 20.87 23.99
N HIS A 567 -7.73 21.12 25.09
CA HIS A 567 -8.87 22.06 25.14
C HIS A 567 -8.48 23.38 25.80
N SER A 568 -7.41 23.32 26.58
CA SER A 568 -7.17 24.22 27.70
C SER A 568 -5.88 23.70 28.34
N ARG A 569 -5.64 24.00 29.60
CA ARG A 569 -4.59 23.35 30.39
C ARG A 569 -3.29 23.11 29.62
N VAL A 570 -2.80 24.17 29.00
CA VAL A 570 -1.59 24.07 28.21
C VAL A 570 -0.85 25.40 28.20
N SER A 571 0.46 25.32 27.97
CA SER A 571 1.29 26.51 27.74
C SER A 571 0.61 27.43 26.75
N GLN A 572 0.77 28.73 26.95
CA GLN A 572 0.16 29.71 26.08
C GLN A 572 0.85 29.83 24.73
N GLN A 573 2.10 29.39 24.63
CA GLN A 573 2.88 29.57 23.42
C GLN A 573 3.85 28.45 23.11
N LEU A 574 3.81 27.97 21.87
CA LEU A 574 4.85 27.12 21.31
C LEU A 574 5.91 28.02 20.69
N CYS A 575 7.17 27.67 20.91
CA CYS A 575 8.27 28.48 20.42
C CYS A 575 9.38 27.53 19.92
N SER A 576 9.83 27.76 18.69
CA SER A 576 10.90 26.95 18.09
C SER A 576 11.44 27.64 16.86
N THR A 577 12.77 27.67 16.72
CA THR A 577 13.41 28.23 15.55
C THR A 577 13.65 27.15 14.49
N SER A 578 13.58 25.89 14.91
CA SER A 578 13.90 24.77 14.04
C SER A 578 12.67 24.11 13.40
N LEU A 579 11.55 24.05 14.12
CA LEU A 579 10.39 23.22 13.71
C LEU A 579 9.83 23.60 12.34
N TRP A 580 9.61 22.58 11.49
CA TRP A 580 9.03 22.80 10.15
C TRP A 580 7.56 22.32 9.99
N ALA A 581 7.17 21.29 10.73
CA ALA A 581 5.86 20.70 10.55
C ALA A 581 5.23 20.40 11.89
N LEU A 582 4.01 20.88 12.09
CA LEU A 582 3.23 20.62 13.30
C LEU A 582 1.88 20.07 12.92
N ASP A 583 1.58 18.87 13.37
CA ASP A 583 0.24 18.30 13.27
C ASP A 583 -0.47 18.59 14.57
N PHE A 584 -1.40 19.54 14.54
CA PHE A 584 -2.20 19.84 15.73
C PHE A 584 -3.65 19.36 15.59
N SER A 585 -3.87 18.41 14.70
CA SER A 585 -5.22 18.02 14.35
C SER A 585 -5.88 17.28 15.51
N GLY A 586 -7.21 17.37 15.61
CA GLY A 586 -7.95 16.57 16.60
C GLY A 586 -7.83 17.06 18.03
N ASN A 587 -7.66 18.37 18.22
CA ASN A 587 -7.69 18.95 19.56
C ASN A 587 -8.92 19.88 19.63
N SER A 588 -8.90 20.88 20.52
CA SER A 588 -9.97 21.90 20.56
C SER A 588 -9.40 23.30 20.70
N LEU A 589 -8.79 23.76 19.62
CA LEU A 589 -8.38 25.16 19.47
C LEU A 589 -9.58 26.10 19.57
N SER A 590 -10.74 25.60 19.15
CA SER A 590 -12.01 26.30 19.34
C SER A 590 -12.13 26.78 20.78
N GLN A 591 -11.98 25.85 21.71
CA GLN A 591 -12.07 26.15 23.11
C GLN A 591 -10.90 27.03 23.53
N MET A 592 -9.70 26.69 23.06
CA MET A 592 -8.55 27.52 23.36
C MET A 592 -8.76 28.97 22.92
N TRP A 593 -9.31 29.18 21.72
CA TRP A 593 -9.43 30.54 21.17
C TRP A 593 -10.71 31.28 21.58
N ALA A 594 -11.63 30.58 22.23
CA ALA A 594 -12.77 31.22 22.87
C ALA A 594 -12.33 31.79 24.22
N GLU A 595 -11.23 31.27 24.74
CA GLU A 595 -10.79 31.56 26.09
C GLU A 595 -9.97 32.86 26.10
N GLY A 596 -10.65 33.96 25.79
CA GLY A 596 -10.06 35.29 25.81
C GLY A 596 -9.07 35.51 24.68
N ASP A 597 -7.95 36.13 25.00
CA ASP A 597 -6.85 36.26 24.07
C ASP A 597 -5.62 35.48 24.54
N LEU A 598 -5.79 34.62 25.55
CA LEU A 598 -4.69 33.87 26.13
C LEU A 598 -3.93 33.02 25.11
N TYR A 599 -4.65 32.45 24.15
CA TYR A 599 -4.07 31.50 23.19
C TYR A 599 -4.02 32.03 21.74
N LEU A 600 -4.17 33.34 21.54
CA LEU A 600 -4.20 33.90 20.19
C LEU A 600 -2.83 33.94 19.47
N ARG A 601 -1.72 33.85 20.21
CA ARG A 601 -0.38 33.75 19.63
C ARG A 601 0.23 32.35 19.80
N PHE A 602 -0.61 31.33 19.93
CA PHE A 602 -0.15 29.97 20.28
C PHE A 602 0.91 29.40 19.33
N PHE A 603 0.72 29.57 18.03
CA PHE A 603 1.63 29.04 17.03
C PHE A 603 2.66 30.06 16.54
N GLN A 604 2.48 31.32 16.89
CA GLN A 604 3.30 32.40 16.32
C GLN A 604 4.82 32.26 16.54
N GLY A 605 5.20 31.67 17.67
CA GLY A 605 6.60 31.51 18.02
C GLY A 605 7.33 30.43 17.25
N LEU A 606 6.63 29.74 16.37
CA LEU A 606 7.24 28.75 15.47
C LEU A 606 7.76 29.51 14.24
N ARG A 607 8.92 30.14 14.41
CA ARG A 607 9.45 31.11 13.43
C ARG A 607 9.70 30.56 12.03
N SER A 608 9.87 29.24 11.90
CA SER A 608 10.13 28.62 10.61
C SER A 608 9.06 27.61 10.17
N LEU A 609 7.94 27.54 10.89
CA LEU A 609 6.91 26.58 10.51
C LEU A 609 6.55 26.72 9.03
N ILE A 610 6.50 25.58 8.34
CA ILE A 610 6.09 25.53 6.95
C ILE A 610 4.74 24.82 6.77
N ARG A 611 4.53 23.73 7.50
CA ARG A 611 3.31 22.94 7.41
C ARG A 611 2.58 22.93 8.75
N LEU A 612 1.29 23.29 8.73
CA LEU A 612 0.50 23.29 9.96
C LEU A 612 -0.87 22.65 9.72
N ASP A 613 -1.20 21.66 10.55
CA ASP A 613 -2.47 20.95 10.43
C ASP A 613 -3.34 21.24 11.66
N LEU A 614 -4.39 22.03 11.43
CA LEU A 614 -5.37 22.36 12.44
C LEU A 614 -6.71 21.74 12.06
N SER A 615 -6.67 20.59 11.41
CA SER A 615 -7.89 19.90 11.04
C SER A 615 -8.56 19.35 12.28
N GLN A 616 -9.87 19.15 12.22
CA GLN A 616 -10.64 18.59 13.33
C GLN A 616 -10.37 19.25 14.66
N ASN A 617 -10.64 20.55 14.76
CA ASN A 617 -10.45 21.30 16.00
C ASN A 617 -11.73 21.97 16.48
N ARG A 618 -12.87 21.53 15.96
CA ARG A 618 -14.18 22.07 16.34
C ARG A 618 -14.33 23.59 16.05
N LEU A 619 -13.56 24.10 15.10
CA LEU A 619 -13.52 25.54 14.83
C LEU A 619 -14.78 25.98 14.11
N HIS A 620 -15.57 26.82 14.78
CA HIS A 620 -16.82 27.32 14.22
C HIS A 620 -16.57 28.64 13.50
N THR A 621 -15.83 29.53 14.15
CA THR A 621 -15.51 30.82 13.55
C THR A 621 -14.00 31.00 13.47
N LEU A 622 -13.58 32.10 12.87
CA LEU A 622 -12.17 32.45 12.77
C LEU A 622 -12.03 33.95 12.59
N LEU A 623 -11.30 34.58 13.50
CA LEU A 623 -10.99 36.00 13.37
C LEU A 623 -9.86 36.13 12.33
N PRO A 624 -9.84 37.25 11.58
CA PRO A 624 -8.63 37.56 10.81
C PRO A 624 -7.42 37.84 11.71
N CYS A 625 -7.69 38.33 12.92
CA CYS A 625 -6.68 38.58 13.94
C CYS A 625 -6.04 37.28 14.47
N THR A 626 -6.74 36.16 14.30
CA THR A 626 -6.23 34.87 14.74
C THR A 626 -5.42 34.19 13.62
N LEU A 627 -5.79 34.49 12.37
CA LEU A 627 -5.06 33.98 11.20
C LEU A 627 -3.73 34.69 10.99
N GLY A 628 -3.70 35.99 11.26
CA GLY A 628 -2.47 36.78 11.14
C GLY A 628 -1.45 36.50 12.24
N ASN A 629 -1.88 35.78 13.27
CA ASN A 629 -1.03 35.36 14.38
C ASN A 629 -0.43 33.97 14.17
N LEU A 630 -0.67 33.40 12.99
CA LEU A 630 0.07 32.22 12.54
C LEU A 630 1.40 32.62 11.90
N PRO A 631 2.39 31.72 11.92
CA PRO A 631 3.71 32.07 11.43
C PRO A 631 3.71 32.48 9.97
N LYS A 632 4.27 33.66 9.69
CA LYS A 632 4.34 34.24 8.35
C LYS A 632 5.02 33.32 7.32
N SER A 633 5.82 32.38 7.80
CA SER A 633 6.53 31.44 6.94
C SER A 633 5.68 30.28 6.40
N LEU A 634 4.42 30.15 6.86
CA LEU A 634 3.58 29.01 6.44
C LEU A 634 3.38 28.90 4.94
N GLN A 635 3.62 27.70 4.41
CA GLN A 635 3.31 27.42 3.02
C GLN A 635 2.07 26.57 2.88
N LEU A 636 1.73 25.82 3.93
CA LEU A 636 0.65 24.85 3.85
C LEU A 636 -0.14 24.84 5.17
N LEU A 637 -1.45 25.04 5.04
CA LEU A 637 -2.36 25.04 6.19
C LEU A 637 -3.57 24.14 5.91
N ARG A 638 -3.81 23.18 6.80
CA ARG A 638 -5.01 22.36 6.72
C ARG A 638 -6.02 22.76 7.77
N LEU A 639 -7.28 22.81 7.37
CA LEU A 639 -8.41 22.90 8.28
C LEU A 639 -9.49 21.89 7.91
N ARG A 640 -9.10 20.71 7.45
CA ARG A 640 -10.07 19.66 7.15
C ARG A 640 -11.04 19.44 8.34
N ASN A 641 -12.32 19.29 8.03
CA ASN A 641 -13.31 18.80 9.01
C ASN A 641 -13.50 19.63 10.29
N ASN A 642 -13.59 20.94 10.12
CA ASN A 642 -14.00 21.82 11.22
C ASN A 642 -15.48 22.14 11.00
N TYR A 643 -16.01 23.19 11.63
CA TYR A 643 -17.41 23.59 11.38
C TYR A 643 -17.49 25.03 10.83
N LEU A 644 -16.58 25.36 9.93
CA LEU A 644 -16.49 26.71 9.35
C LEU A 644 -17.55 26.91 8.27
N ALA A 645 -18.46 27.85 8.49
CA ALA A 645 -19.47 28.21 7.50
C ALA A 645 -19.16 29.54 6.80
N PHE A 646 -18.11 30.20 7.26
CA PHE A 646 -17.69 31.47 6.70
C PHE A 646 -16.18 31.45 6.62
N PHE A 647 -15.65 32.11 5.61
CA PHE A 647 -14.23 32.37 5.52
C PHE A 647 -14.03 33.72 4.85
N ASN A 648 -13.25 34.57 5.50
CA ASN A 648 -12.89 35.86 4.94
C ASN A 648 -11.65 35.67 4.08
N TRP A 649 -11.87 35.62 2.77
CA TRP A 649 -10.81 35.30 1.82
C TRP A 649 -9.76 36.39 1.68
N SER A 650 -10.12 37.63 2.02
CA SER A 650 -9.17 38.74 1.98
C SER A 650 -8.05 38.60 3.01
N SER A 651 -8.31 37.83 4.07
CA SER A 651 -7.33 37.63 5.14
C SER A 651 -6.18 36.69 4.74
N LEU A 652 -6.15 36.23 3.50
CA LEU A 652 -5.07 35.36 3.03
C LEU A 652 -3.81 36.17 2.69
N THR A 653 -3.96 37.48 2.58
CA THR A 653 -2.79 38.37 2.44
C THR A 653 -1.88 38.29 3.68
N LEU A 654 -2.48 37.96 4.83
CA LEU A 654 -1.73 37.85 6.09
C LEU A 654 -0.86 36.58 6.19
N LEU A 655 -0.89 35.74 5.16
CA LEU A 655 -0.02 34.57 5.05
C LEU A 655 0.63 34.60 3.68
N PRO A 656 1.53 35.58 3.46
CA PRO A 656 2.04 35.87 2.12
C PRO A 656 2.70 34.70 1.40
N ASN A 657 3.19 33.72 2.15
CA ASN A 657 3.87 32.56 1.57
C ASN A 657 2.97 31.34 1.38
N LEU A 658 1.70 31.45 1.73
CA LEU A 658 0.80 30.30 1.66
C LEU A 658 0.62 29.83 0.21
N GLU A 659 0.87 28.53 -0.01
CA GLU A 659 0.76 27.90 -1.33
C GLU A 659 -0.33 26.82 -1.39
N THR A 660 -0.55 26.08 -0.30
CA THR A 660 -1.60 25.07 -0.23
C THR A 660 -2.55 25.38 0.91
N LEU A 661 -3.83 25.55 0.59
CA LEU A 661 -4.86 25.71 1.60
C LEU A 661 -5.88 24.58 1.44
N ASP A 662 -6.22 23.95 2.57
CA ASP A 662 -7.10 22.80 2.60
C ASP A 662 -8.27 23.04 3.55
N LEU A 663 -9.44 23.31 2.99
CA LEU A 663 -10.66 23.51 3.78
C LEU A 663 -11.69 22.40 3.52
N ALA A 664 -11.25 21.23 3.13
CA ALA A 664 -12.19 20.15 2.83
C ALA A 664 -13.01 19.76 4.06
N GLY A 665 -14.30 19.48 3.86
CA GLY A 665 -15.14 18.92 4.92
C GLY A 665 -15.69 19.91 5.94
N ASN A 666 -15.79 21.17 5.56
CA ASN A 666 -16.39 22.19 6.42
C ASN A 666 -17.82 22.49 5.95
N GLN A 667 -18.38 23.62 6.32
CA GLN A 667 -19.78 23.93 5.95
C GLN A 667 -19.96 25.13 5.04
N LEU A 668 -18.96 25.48 4.25
CA LEU A 668 -19.11 26.59 3.30
C LEU A 668 -20.33 26.35 2.41
N LYS A 669 -21.22 27.35 2.37
CA LYS A 669 -22.42 27.29 1.54
C LYS A 669 -22.14 27.90 0.18
N ALA A 670 -21.07 28.68 0.10
CA ALA A 670 -20.72 29.36 -1.13
C ALA A 670 -19.26 29.73 -1.09
N LEU A 671 -18.74 30.07 -2.26
CA LEU A 671 -17.48 30.79 -2.39
C LEU A 671 -17.81 32.22 -2.78
N SER A 672 -17.84 33.10 -1.78
CA SER A 672 -18.35 34.45 -1.93
C SER A 672 -17.75 35.36 -0.84
N ASN A 673 -18.36 36.52 -0.60
CA ASN A 673 -17.91 37.46 0.44
C ASN A 673 -16.52 37.95 0.08
N GLY A 674 -16.44 38.67 -1.04
CA GLY A 674 -15.16 39.02 -1.64
C GLY A 674 -14.69 37.87 -2.49
N SER A 675 -13.42 37.91 -2.92
CA SER A 675 -12.82 36.88 -3.76
C SER A 675 -11.41 36.55 -3.26
N LEU A 676 -10.66 35.74 -4.01
CA LEU A 676 -9.25 35.54 -3.71
C LEU A 676 -8.52 36.82 -4.09
N PRO A 677 -7.75 37.40 -3.16
CA PRO A 677 -7.17 38.73 -3.36
C PRO A 677 -5.96 38.69 -4.27
N SER A 678 -5.64 39.84 -4.87
CA SER A 678 -4.51 39.92 -5.80
C SER A 678 -3.20 39.72 -5.05
N GLY A 679 -2.26 39.05 -5.69
CA GLY A 679 -0.95 38.80 -5.11
C GLY A 679 -0.82 37.43 -4.44
N THR A 680 -1.94 36.81 -4.09
CA THR A 680 -1.89 35.51 -3.43
C THR A 680 -1.01 34.54 -4.20
N GLN A 681 -0.26 33.74 -3.47
CA GLN A 681 0.67 32.75 -4.03
C GLN A 681 0.05 31.38 -4.10
N LEU A 682 -1.23 31.29 -3.74
CA LEU A 682 -1.92 30.02 -3.59
C LEU A 682 -1.92 29.20 -4.88
N GLN A 683 -1.54 27.94 -4.75
CA GLN A 683 -1.43 27.01 -5.87
C GLN A 683 -2.38 25.80 -5.73
N ARG A 684 -2.54 25.30 -4.52
CA ARG A 684 -3.43 24.16 -4.28
C ARG A 684 -4.53 24.64 -3.37
N LEU A 685 -5.78 24.47 -3.80
CA LEU A 685 -6.94 24.80 -2.98
C LEU A 685 -7.95 23.67 -2.98
N ASP A 686 -8.27 23.18 -1.81
CA ASP A 686 -9.23 22.09 -1.65
C ASP A 686 -10.42 22.57 -0.81
N VAL A 687 -11.58 22.59 -1.44
CA VAL A 687 -12.82 22.91 -0.75
C VAL A 687 -13.83 21.80 -1.03
N SER A 688 -13.33 20.56 -1.05
CA SER A 688 -14.18 19.40 -1.27
C SER A 688 -15.04 19.10 -0.02
N ARG A 689 -16.16 18.42 -0.21
CA ARG A 689 -17.01 18.02 0.94
C ARG A 689 -17.51 19.21 1.80
N ASN A 690 -17.86 20.32 1.15
CA ASN A 690 -18.57 21.42 1.81
C ASN A 690 -20.01 21.39 1.29
N SER A 691 -20.73 22.48 1.40
CA SER A 691 -22.06 22.55 0.81
C SER A 691 -22.14 23.72 -0.16
N ILE A 692 -21.10 23.86 -0.98
CA ILE A 692 -20.98 25.02 -1.85
C ILE A 692 -22.03 24.98 -2.97
N ILE A 693 -22.94 25.95 -2.92
CA ILE A 693 -24.05 26.03 -3.86
C ILE A 693 -23.72 26.98 -5.00
N PHE A 694 -22.96 28.03 -4.72
CA PHE A 694 -22.51 28.91 -5.79
C PHE A 694 -21.19 29.60 -5.49
N VAL A 695 -20.63 30.16 -6.55
CA VAL A 695 -19.38 30.91 -6.51
C VAL A 695 -19.66 32.23 -7.18
N VAL A 696 -19.18 33.33 -6.59
CA VAL A 696 -19.34 34.63 -7.21
C VAL A 696 -18.48 34.71 -8.47
N PRO A 697 -18.95 35.49 -9.46
CA PRO A 697 -18.11 35.74 -10.64
C PRO A 697 -16.75 36.26 -10.23
N GLY A 698 -15.70 35.83 -10.92
CA GLY A 698 -14.36 36.35 -10.71
C GLY A 698 -13.73 35.98 -9.38
N PHE A 699 -14.28 34.96 -8.71
CA PHE A 699 -13.78 34.53 -7.41
C PHE A 699 -12.34 34.07 -7.48
N PHE A 700 -11.99 33.37 -8.55
CA PHE A 700 -10.64 32.84 -8.74
C PHE A 700 -9.80 33.66 -9.73
N ALA A 701 -10.32 34.78 -10.21
CA ALA A 701 -9.63 35.54 -11.28
C ALA A 701 -8.22 36.01 -10.90
N LEU A 702 -8.08 36.54 -9.68
CA LEU A 702 -6.82 37.15 -9.24
C LEU A 702 -5.74 36.15 -8.79
N ALA A 703 -6.10 34.87 -8.67
CA ALA A 703 -5.17 33.83 -8.21
C ALA A 703 -4.33 33.26 -9.35
N THR A 704 -3.33 34.03 -9.79
CA THR A 704 -2.54 33.67 -10.98
C THR A 704 -1.69 32.40 -10.84
N ARG A 705 -1.31 32.04 -9.63
CA ARG A 705 -0.50 30.83 -9.42
C ARG A 705 -1.36 29.58 -9.19
N LEU A 706 -2.68 29.74 -9.14
CA LEU A 706 -3.57 28.61 -8.83
C LEU A 706 -3.53 27.54 -9.94
N ARG A 707 -3.20 26.31 -9.56
CA ARG A 707 -3.06 25.20 -10.49
C ARG A 707 -3.94 24.00 -10.14
N GLU A 708 -4.24 23.83 -8.86
CA GLU A 708 -5.02 22.68 -8.39
C GLU A 708 -6.18 23.13 -7.51
N LEU A 709 -7.39 22.74 -7.90
CA LEU A 709 -8.60 23.20 -7.23
C LEU A 709 -9.57 22.04 -7.12
N ASN A 710 -9.94 21.65 -5.89
CA ASN A 710 -10.88 20.55 -5.70
C ASN A 710 -12.27 21.05 -5.27
N LEU A 711 -13.26 20.90 -6.15
CA LEU A 711 -14.65 21.32 -5.89
C LEU A 711 -15.59 20.12 -5.71
N SER A 712 -15.00 18.95 -5.56
CA SER A 712 -15.75 17.69 -5.46
C SER A 712 -16.70 17.66 -4.23
N ALA A 713 -17.84 16.99 -4.39
CA ALA A 713 -18.73 16.68 -3.26
C ALA A 713 -19.16 17.96 -2.56
N ASN A 714 -19.70 18.87 -3.35
CA ASN A 714 -20.32 20.08 -2.85
C ASN A 714 -21.78 20.03 -3.28
N ALA A 715 -22.42 21.18 -3.47
CA ALA A 715 -23.81 21.22 -3.92
C ALA A 715 -23.96 22.02 -5.21
N LEU A 716 -22.93 21.99 -6.05
CA LEU A 716 -22.93 22.77 -7.27
C LEU A 716 -23.85 22.18 -8.34
N ARG A 717 -24.57 23.07 -9.00
CA ARG A 717 -25.48 22.69 -10.07
C ARG A 717 -24.91 23.06 -11.45
N THR A 718 -23.80 23.80 -11.45
CA THR A 718 -23.17 24.22 -12.70
C THR A 718 -21.69 24.45 -12.48
N VAL A 719 -20.96 24.64 -13.58
CA VAL A 719 -19.56 25.04 -13.56
C VAL A 719 -19.38 26.19 -14.54
N GLU A 720 -18.98 27.36 -14.05
CA GLU A 720 -18.99 28.57 -14.86
C GLU A 720 -17.60 29.10 -15.20
N PRO A 721 -17.39 29.52 -16.45
CA PRO A 721 -16.14 30.23 -16.82
C PRO A 721 -15.96 31.57 -16.11
N SER A 722 -17.08 32.21 -15.75
CA SER A 722 -17.04 33.50 -15.06
C SER A 722 -16.41 33.41 -13.66
N TRP A 723 -16.34 32.21 -13.09
CA TRP A 723 -15.69 32.01 -11.79
C TRP A 723 -14.21 32.29 -11.84
N PHE A 724 -13.63 32.21 -13.04
CA PHE A 724 -12.17 32.29 -13.22
C PHE A 724 -11.74 33.50 -14.04
N GLY A 725 -12.64 34.44 -14.31
CA GLY A 725 -12.34 35.57 -15.22
C GLY A 725 -11.63 35.08 -16.48
N PHE A 726 -10.45 35.63 -16.74
CA PHE A 726 -9.48 35.00 -17.65
C PHE A 726 -8.71 33.98 -16.81
N LEU A 727 -7.97 33.07 -17.42
CA LEU A 727 -7.06 32.15 -16.69
C LEU A 727 -7.56 30.72 -16.45
N ALA A 728 -8.76 30.36 -16.92
CA ALA A 728 -9.27 29.00 -16.71
C ALA A 728 -8.33 27.93 -17.28
N GLY A 729 -7.74 28.21 -18.43
CA GLY A 729 -6.76 27.31 -19.04
C GLY A 729 -5.41 27.22 -18.34
N SER A 730 -5.28 27.87 -17.19
CA SER A 730 -4.08 27.77 -16.35
C SER A 730 -4.10 26.52 -15.46
N LEU A 731 -5.30 26.13 -15.02
CA LEU A 731 -5.47 25.01 -14.09
C LEU A 731 -5.01 23.69 -14.67
N GLU A 732 -4.22 22.96 -13.87
CA GLU A 732 -3.81 21.61 -14.21
C GLU A 732 -4.77 20.56 -13.63
N VAL A 733 -5.45 20.91 -12.52
CA VAL A 733 -6.44 20.01 -11.92
C VAL A 733 -7.64 20.80 -11.46
N LEU A 734 -8.81 20.44 -11.98
CA LEU A 734 -10.09 20.99 -11.54
C LEU A 734 -11.01 19.81 -11.31
N ASP A 735 -11.23 19.46 -10.06
CA ASP A 735 -12.05 18.30 -9.75
C ASP A 735 -13.44 18.80 -9.39
N VAL A 736 -14.42 18.41 -10.20
CA VAL A 736 -15.82 18.81 -9.99
C VAL A 736 -16.74 17.59 -9.87
N SER A 737 -16.21 16.42 -9.53
CA SER A 737 -17.04 15.21 -9.39
C SER A 737 -17.94 15.30 -8.16
N ALA A 738 -18.88 14.37 -8.07
CA ALA A 738 -19.81 14.28 -6.93
C ALA A 738 -20.51 15.61 -6.62
N ASN A 739 -20.95 16.29 -7.67
CA ASN A 739 -21.78 17.48 -7.53
C ASN A 739 -23.11 17.24 -8.20
N PRO A 740 -24.19 17.81 -7.65
CA PRO A 740 -25.52 17.61 -8.19
C PRO A 740 -25.77 18.45 -9.44
N LEU A 741 -24.99 18.19 -10.49
CA LEU A 741 -25.01 19.07 -11.66
C LEU A 741 -26.39 19.07 -12.34
N HIS A 742 -26.85 20.24 -12.78
CA HIS A 742 -28.14 20.41 -13.46
C HIS A 742 -27.97 20.05 -14.93
N CYS A 743 -28.17 18.78 -15.24
CA CYS A 743 -28.03 18.31 -16.61
C CYS A 743 -29.25 18.72 -17.41
N ALA A 744 -29.00 19.39 -18.51
CA ALA A 744 -30.00 19.68 -19.48
C ALA A 744 -29.37 19.49 -20.84
N CYS A 745 -30.22 19.38 -21.83
CA CYS A 745 -29.79 19.21 -23.19
C CYS A 745 -29.83 20.59 -23.87
N GLY A 746 -28.74 21.16 -24.36
CA GLY A 746 -27.37 20.85 -24.01
C GLY A 746 -26.83 22.04 -23.22
N ALA A 747 -26.76 21.86 -21.91
CA ALA A 747 -26.18 22.83 -20.98
C ALA A 747 -24.80 23.31 -21.41
N ALA A 748 -24.54 24.60 -21.26
CA ALA A 748 -23.23 25.19 -21.65
C ALA A 748 -22.09 24.84 -20.68
N PHE A 749 -22.39 24.46 -19.44
CA PHE A 749 -21.30 24.11 -18.54
C PHE A 749 -20.49 22.94 -19.11
N VAL A 750 -21.19 22.07 -19.85
CA VAL A 750 -20.55 20.96 -20.55
C VAL A 750 -19.57 21.45 -21.61
N ASP A 751 -19.92 22.52 -22.31
CA ASP A 751 -19.00 23.18 -23.22
C ASP A 751 -17.71 23.55 -22.49
N PHE A 752 -17.85 24.23 -21.37
CA PHE A 752 -16.70 24.62 -20.55
C PHE A 752 -15.83 23.43 -20.14
N LEU A 753 -16.46 22.37 -19.62
CA LEU A 753 -15.69 21.20 -19.17
C LEU A 753 -15.01 20.48 -20.33
N LEU A 754 -15.57 20.58 -21.52
CA LEU A 754 -14.91 20.04 -22.71
C LEU A 754 -13.71 20.90 -23.10
N GLN A 755 -13.79 22.21 -22.84
CA GLN A 755 -12.69 23.11 -23.16
C GLN A 755 -11.47 22.88 -22.25
N VAL A 756 -11.71 22.64 -20.96
CA VAL A 756 -10.62 22.41 -20.00
C VAL A 756 -10.48 20.93 -19.62
N GLN A 757 -10.87 20.02 -20.52
CA GLN A 757 -10.96 18.60 -20.17
C GLN A 757 -9.64 17.99 -19.74
N ALA A 758 -8.53 18.50 -20.28
CA ALA A 758 -7.19 18.13 -19.85
C ALA A 758 -7.00 18.19 -18.33
N ALA A 759 -7.62 19.17 -17.66
CA ALA A 759 -7.46 19.32 -16.21
C ALA A 759 -8.52 18.57 -15.37
N VAL A 760 -9.52 17.98 -16.01
CA VAL A 760 -10.66 17.41 -15.29
C VAL A 760 -10.53 15.90 -15.18
N PRO A 761 -10.20 15.40 -13.98
CA PRO A 761 -10.03 13.96 -13.86
C PRO A 761 -11.36 13.23 -13.83
N GLY A 762 -11.45 12.13 -14.55
CA GLY A 762 -12.66 11.35 -14.62
C GLY A 762 -13.76 12.02 -15.41
N LEU A 763 -13.40 12.96 -16.29
CA LEU A 763 -14.46 13.68 -17.03
C LEU A 763 -15.40 12.72 -17.76
N PRO A 764 -14.85 11.74 -18.50
CA PRO A 764 -15.75 10.96 -19.35
C PRO A 764 -16.78 10.13 -18.59
N SER A 765 -16.58 9.90 -17.29
CA SER A 765 -17.43 8.96 -16.55
C SER A 765 -17.80 9.35 -15.10
N ARG A 766 -16.98 10.15 -14.44
CA ARG A 766 -17.15 10.43 -13.00
C ARG A 766 -17.75 11.80 -12.68
N VAL A 767 -17.88 12.67 -13.67
CA VAL A 767 -18.60 13.92 -13.53
C VAL A 767 -20.07 13.66 -13.87
N LYS A 768 -20.95 13.72 -12.89
CA LYS A 768 -22.31 13.22 -13.06
C LYS A 768 -23.42 14.26 -12.84
N CYS A 769 -24.62 13.91 -13.29
CA CYS A 769 -25.81 14.74 -13.09
C CYS A 769 -26.44 14.57 -11.71
N GLY A 770 -27.09 15.62 -11.24
CA GLY A 770 -27.95 15.56 -10.06
C GLY A 770 -29.42 15.58 -10.43
N SER A 771 -29.71 16.06 -11.63
CA SER A 771 -31.08 16.16 -12.13
C SER A 771 -31.03 16.18 -13.66
N PRO A 772 -32.13 15.84 -14.33
CA PRO A 772 -33.43 15.44 -13.77
C PRO A 772 -33.38 14.06 -13.17
N GLY A 773 -34.47 13.67 -12.50
CA GLY A 773 -34.56 12.39 -11.79
C GLY A 773 -34.03 11.20 -12.56
N GLN A 774 -34.26 11.17 -13.87
CA GLN A 774 -33.85 10.04 -14.69
C GLN A 774 -32.34 9.95 -14.95
N LEU A 775 -31.67 11.08 -15.10
CA LEU A 775 -30.22 11.09 -15.34
C LEU A 775 -29.43 11.24 -14.05
N GLN A 776 -30.12 11.08 -12.92
CA GLN A 776 -29.55 11.35 -11.61
C GLN A 776 -28.53 10.28 -11.26
N GLY A 777 -27.29 10.71 -11.04
CA GLY A 777 -26.17 9.80 -10.77
C GLY A 777 -25.57 9.17 -12.02
N ARG A 778 -25.98 9.64 -13.20
CA ARG A 778 -25.41 9.17 -14.46
C ARG A 778 -24.48 10.24 -15.05
N SER A 779 -23.64 9.81 -15.99
CA SER A 779 -22.61 10.65 -16.58
C SER A 779 -23.22 11.76 -17.42
N ILE A 780 -22.57 12.93 -17.42
CA ILE A 780 -23.01 14.06 -18.26
C ILE A 780 -22.92 13.77 -19.77
N PHE A 781 -22.30 12.66 -20.16
CA PHE A 781 -22.27 12.23 -21.55
C PHE A 781 -23.07 10.94 -21.76
N ALA A 782 -24.07 10.69 -20.93
CA ALA A 782 -24.90 9.50 -21.10
C ALA A 782 -25.65 9.57 -22.43
N GLN A 783 -25.97 8.41 -22.99
CA GLN A 783 -26.59 8.29 -24.33
C GLN A 783 -27.56 9.43 -24.66
N ASP A 784 -28.53 9.62 -23.78
CA ASP A 784 -29.56 10.67 -23.93
C ASP A 784 -29.01 12.09 -24.17
N LEU A 785 -27.99 12.47 -23.41
CA LEU A 785 -27.39 13.81 -23.53
C LEU A 785 -26.40 13.94 -24.68
N ARG A 786 -25.88 12.81 -25.16
CA ARG A 786 -24.87 12.82 -26.24
C ARG A 786 -25.46 13.26 -27.59
N LEU A 787 -26.78 13.25 -27.69
CA LEU A 787 -27.46 13.73 -28.90
C LEU A 787 -27.37 15.26 -29.01
N CYS A 788 -27.29 15.95 -27.88
CA CYS A 788 -27.30 17.41 -27.82
C CYS A 788 -25.87 18.00 -27.79
N LEU A 789 -25.04 17.65 -28.76
CA LEU A 789 -23.66 18.16 -28.84
C LEU A 789 -23.24 18.53 -30.26
C1 NAG B . -11.00 15.81 -4.38
C2 NAG B . -9.94 14.74 -4.61
C3 NAG B . -10.54 13.34 -4.57
C4 NAG B . -11.46 13.18 -3.36
C5 NAG B . -12.49 14.31 -3.32
C6 NAG B . -13.44 14.20 -2.12
C7 NAG B . -8.10 15.28 -6.18
C8 NAG B . -7.71 15.48 -7.61
N2 NAG B . -9.38 14.97 -5.95
O3 NAG B . -9.51 12.38 -4.52
O4 NAG B . -12.07 11.90 -3.37
O5 NAG B . -11.79 15.54 -3.23
O6 NAG B . -12.79 14.54 -0.92
O7 NAG B . -7.25 15.40 -5.29
C1 NAG B . -11.52 11.07 -2.32
C2 NAG B . -12.30 9.77 -2.19
C3 NAG B . -11.72 8.93 -1.04
C4 NAG B . -10.21 8.79 -1.18
C5 NAG B . -9.53 10.13 -1.47
C6 NAG B . -8.05 9.96 -1.81
C7 NAG B . -14.54 10.36 -2.98
C8 NAG B . -15.97 10.65 -2.65
N2 NAG B . -13.71 10.05 -1.98
O3 NAG B . -12.28 7.63 -1.00
O4 NAG B . -9.71 8.24 0.02
O5 NAG B . -10.17 10.75 -2.56
O6 NAG B . -7.53 11.19 -2.25
O7 NAG B . -14.18 10.43 -4.15
C1 NAG C . -9.60 -31.91 -6.50
C2 NAG C . -11.04 -31.41 -6.45
C3 NAG C . -11.93 -32.40 -5.72
C4 NAG C . -11.77 -33.79 -6.33
C5 NAG C . -10.29 -34.18 -6.30
C6 NAG C . -10.00 -35.57 -6.88
C7 NAG C . -11.81 -29.10 -6.26
C8 NAG C . -11.70 -27.81 -5.51
N2 NAG C . -11.05 -30.10 -5.83
O3 NAG C . -13.28 -31.99 -5.81
O4 NAG C . -12.56 -34.69 -5.58
O5 NAG C . -9.53 -33.23 -7.03
O6 NAG C . -9.73 -35.50 -8.27
O7 NAG C . -12.55 -29.19 -7.24
C1 NAG D . 7.80 24.65 32.29
C2 NAG D . 7.43 25.72 33.31
C3 NAG D . 8.66 26.58 33.56
C4 NAG D . 9.66 25.68 34.24
C5 NAG D . 10.07 24.53 33.33
C6 NAG D . 10.72 23.43 34.18
C7 NAG D . 5.06 26.34 33.37
C8 NAG D . 3.95 27.19 32.82
N2 NAG D . 6.29 26.50 32.86
O3 NAG D . 8.34 27.70 34.39
O4 NAG D . 10.81 26.39 34.60
O5 NAG D . 8.99 23.95 32.62
O6 NAG D . 11.78 22.80 33.50
O7 NAG D . 4.78 25.54 34.26
S SO4 E . 7.16 21.30 34.81
O1 SO4 E . 6.70 22.70 34.98
O2 SO4 E . 8.58 21.27 34.46
O3 SO4 E . 6.93 20.55 36.06
O4 SO4 E . 6.41 20.67 33.71
S SO4 F . -5.75 -19.22 4.60
O1 SO4 F . -5.34 -17.96 3.93
O2 SO4 F . -5.10 -20.36 3.93
O3 SO4 F . -5.38 -19.13 6.01
O4 SO4 F . -7.20 -19.41 4.45
#